data_4MZ4
#
_entry.id   4MZ4
#
_cell.length_a   89.986
_cell.length_b   106.596
_cell.length_c   134.602
_cell.angle_alpha   90.00
_cell.angle_beta   90.00
_cell.angle_gamma   90.00
#
_symmetry.space_group_name_H-M   'P 21 21 21'
#
loop_
_entity.id
_entity.type
_entity.pdbx_description
1 polymer 'RNA-directed RNA polymerase'
2 non-polymer '1-[(2-chloroquinolin-3-yl)methyl]-6-fluoro-5-methyl-3-(2-oxo-1,2-dihydropyridin-3-yl)-1H-indole-2-carboxylic acid'
3 non-polymer 'PHOSPHATE ION'
4 water water
#
_entity_poly.entity_id   1
_entity_poly.type   'polypeptide(L)'
_entity_poly.pdbx_seq_one_letter_code
;SMSYTWTGALITPCAAEESKLPINPLSNSLLRHHNMVYATTSRSASLRQKKVTFDRLQVLDDHYRDVLKEMKAKASTVKA
KLLSIEEACKLTPPHSAKSKFGYGAKDVRNLSSRAVNHIRSVWEDLLEDTETPIDTTIMAKSEVFCVQPEKGGRKPARLI
VFPDLGVRVCEKMALYDVVSTLPQAVMGSSYGFQYSPKQRVEFLVNTWKSKKCPMGFSYDTRCFDSTVTESDIRVEESIY
QCCDLAPEARQAIRSLTERLYIGGPLTNSKGQNCGYRRCRASGVLTTSCGNTLTCYLKATAACRAAKLQDCTMLVNGDDL
VVICESAGTQEDAAALRAFTEAMTRYSAPPGDPPQPEYDLELITSCSSNVSVAHDASGKRVYYLTRDPTTPLARAAWETA
RHTPINSWLGNIIMYAPTLWARMILMTHFFSILLAQEQLGKALDCQIYGACYSIEPLDLPQIIERLHGLSAFTLHSYSPG
EINRVASCLRKLGVPPLRTWRHRARSVRAKLLSQGGRAAICGRYLFNWAVRTKLKLTPIPAASQLDLSGWFVAGYSGGDI
YHSLSRARPRENLYFQ
;
_entity_poly.pdbx_strand_id   A,B
#
loop_
_chem_comp.id
_chem_comp.type
_chem_comp.name
_chem_comp.formula
2F3 non-polymer '1-[(2-chloroquinolin-3-yl)methyl]-6-fluoro-5-methyl-3-(2-oxo-1,2-dihydropyridin-3-yl)-1H-indole-2-carboxylic acid' 'C25 H17 Cl F N3 O3'
PO4 non-polymer 'PHOSPHATE ION' 'O4 P -3'
#
# COMPACT_ATOMS: atom_id res chain seq x y z
N SER A 1 12.58 -9.62 21.59
CA SER A 1 12.53 -8.65 22.68
C SER A 1 11.49 -9.09 23.73
N MET A 2 11.58 -8.53 24.91
CA MET A 2 10.65 -8.83 25.99
C MET A 2 9.31 -8.18 25.72
N SER A 3 8.23 -8.93 25.86
CA SER A 3 6.89 -8.37 25.68
C SER A 3 6.65 -7.16 26.62
N TYR A 4 7.19 -7.23 27.87
CA TYR A 4 7.09 -6.16 28.84
C TYR A 4 8.38 -6.12 29.66
N THR A 5 8.68 -4.92 30.18
CA THR A 5 9.68 -4.67 31.21
C THR A 5 8.93 -3.91 32.29
N TRP A 6 9.34 -4.08 33.53
CA TRP A 6 8.64 -3.46 34.65
C TRP A 6 9.62 -2.67 35.52
N THR A 7 9.16 -1.54 36.07
CA THR A 7 10.02 -0.72 36.96
C THR A 7 9.94 -1.20 38.41
N GLY A 8 8.85 -1.86 38.77
CA GLY A 8 8.56 -2.29 40.12
C GLY A 8 7.38 -1.54 40.72
N ALA A 9 6.93 -0.41 40.09
CA ALA A 9 5.75 0.30 40.57
C ALA A 9 4.56 -0.68 40.36
N LEU A 10 3.60 -0.67 41.26
CA LEU A 10 2.49 -1.59 41.17
C LEU A 10 1.44 -1.20 40.14
N ILE A 11 0.68 -2.19 39.65
CA ILE A 11 -0.51 -1.93 38.84
C ILE A 11 -1.58 -1.62 39.91
N THR A 12 -2.03 -0.39 39.94
CA THR A 12 -2.92 0.12 40.99
C THR A 12 -4.37 0.29 40.59
N PRO A 13 -5.31 0.19 41.58
CA PRO A 13 -6.72 0.46 41.26
C PRO A 13 -7.00 1.97 41.36
N CYS A 14 -8.07 2.46 40.75
CA CYS A 14 -8.39 3.89 40.86
C CYS A 14 -9.48 4.17 41.90
N ALA A 15 -9.99 3.09 42.52
CA ALA A 15 -11.04 3.10 43.55
C ALA A 15 -11.09 1.72 44.22
N ALA A 16 -11.94 1.56 45.26
CA ALA A 16 -12.12 0.29 45.96
C ALA A 16 -12.57 -0.78 44.95
N GLU A 17 -12.06 -2.00 45.09
CA GLU A 17 -12.42 -3.07 44.14
C GLU A 17 -13.20 -4.16 44.83
N GLU A 18 -14.29 -4.59 44.21
CA GLU A 18 -15.13 -5.65 44.74
C GLU A 18 -14.76 -6.99 44.12
N SER A 19 -14.52 -8.00 44.96
CA SER A 19 -14.12 -9.30 44.46
C SER A 19 -15.17 -10.37 44.70
N LYS A 20 -16.09 -10.13 45.65
CA LYS A 20 -17.08 -11.15 46.02
C LYS A 20 -18.48 -10.80 45.54
N LEU A 21 -19.23 -11.80 45.09
CA LEU A 21 -20.62 -11.54 44.69
C LEU A 21 -21.42 -11.10 45.92
N PRO A 22 -22.14 -9.96 45.88
CA PRO A 22 -22.95 -9.57 47.04
C PRO A 22 -24.03 -10.62 47.36
N ILE A 23 -24.47 -10.65 48.62
CA ILE A 23 -25.55 -11.57 49.03
C ILE A 23 -26.80 -10.70 48.93
N ASN A 24 -27.54 -10.88 47.83
CA ASN A 24 -28.64 -10.00 47.47
C ASN A 24 -29.83 -10.85 47.09
N PRO A 25 -31.08 -10.50 47.50
CA PRO A 25 -32.21 -11.38 47.21
C PRO A 25 -32.50 -11.64 45.74
N LEU A 26 -32.28 -10.63 44.91
CA LEU A 26 -32.54 -10.77 43.47
C LEU A 26 -31.51 -11.63 42.79
N SER A 27 -30.21 -11.42 43.11
CA SER A 27 -29.21 -12.33 42.55
C SER A 27 -29.34 -13.75 43.11
N ASN A 28 -29.69 -13.87 44.41
CA ASN A 28 -29.87 -15.16 45.06
C ASN A 28 -31.01 -15.98 44.46
N SER A 29 -32.01 -15.30 43.86
CA SER A 29 -33.12 -15.99 43.18
C SER A 29 -32.60 -16.70 41.92
N LEU A 30 -31.50 -16.18 41.36
CA LEU A 30 -30.89 -16.79 40.18
C LEU A 30 -29.85 -17.84 40.53
N LEU A 31 -28.97 -17.56 41.49
CA LEU A 31 -27.82 -18.37 41.81
C LEU A 31 -27.59 -18.27 43.32
N ARG A 32 -27.63 -19.42 44.01
CA ARG A 32 -27.49 -19.47 45.47
C ARG A 32 -26.04 -19.66 45.95
N HIS A 33 -25.15 -20.27 45.12
CA HIS A 33 -23.75 -20.49 45.55
C HIS A 33 -22.92 -19.26 45.26
N HIS A 34 -23.23 -18.16 45.95
CA HIS A 34 -22.61 -16.84 45.74
C HIS A 34 -21.07 -16.89 45.98
N ASN A 35 -20.58 -17.80 46.85
CA ASN A 35 -19.14 -17.88 47.09
C ASN A 35 -18.35 -18.44 45.92
N MET A 36 -19.02 -19.04 44.92
CA MET A 36 -18.34 -19.58 43.76
C MET A 36 -18.11 -18.49 42.72
N VAL A 37 -18.73 -17.33 42.90
CA VAL A 37 -18.66 -16.23 41.92
C VAL A 37 -17.76 -15.16 42.43
N TYR A 38 -16.79 -14.76 41.58
CA TYR A 38 -15.84 -13.74 41.98
C TYR A 38 -15.54 -12.79 40.85
N ALA A 39 -14.94 -11.65 41.17
CA ALA A 39 -14.47 -10.70 40.15
C ALA A 39 -12.98 -10.53 40.35
N THR A 40 -12.27 -10.49 39.22
CA THR A 40 -10.83 -10.25 39.27
C THR A 40 -10.56 -8.80 39.70
N THR A 41 -9.40 -8.57 40.38
CA THR A 41 -9.03 -7.22 40.83
C THR A 41 -7.53 -7.04 40.64
N SER A 42 -7.03 -5.83 40.93
CA SER A 42 -5.60 -5.51 40.90
C SER A 42 -4.78 -6.38 41.84
N ARG A 43 -5.42 -7.01 42.87
CA ARG A 43 -4.68 -7.89 43.80
C ARG A 43 -3.98 -9.07 43.13
N SER A 44 -4.46 -9.50 41.95
CA SER A 44 -3.82 -10.61 41.24
C SER A 44 -3.00 -10.13 40.02
N ALA A 45 -2.82 -8.80 39.88
CA ALA A 45 -2.10 -8.24 38.71
C ALA A 45 -0.68 -8.79 38.58
N SER A 46 0.06 -8.95 39.71
CA SER A 46 1.43 -9.48 39.61
C SER A 46 1.49 -10.89 39.04
N LEU A 47 0.47 -11.74 39.32
CA LEU A 47 0.42 -13.08 38.76
C LEU A 47 0.26 -12.99 37.23
N ARG A 48 -0.63 -12.08 36.76
CA ARG A 48 -0.82 -11.90 35.32
C ARG A 48 0.47 -11.35 34.69
N GLN A 49 1.11 -10.37 35.33
CA GLN A 49 2.37 -9.78 34.83
C GLN A 49 3.41 -10.86 34.56
N LYS A 50 3.55 -11.83 35.47
CA LYS A 50 4.50 -12.91 35.26
C LYS A 50 4.17 -13.76 34.02
N LYS A 51 2.87 -14.12 33.85
CA LYS A 51 2.43 -14.94 32.74
C LYS A 51 2.63 -14.25 31.36
N VAL A 52 2.41 -12.92 31.31
CA VAL A 52 2.43 -12.16 30.04
C VAL A 52 3.82 -11.65 29.63
N THR A 53 4.80 -11.79 30.53
CA THR A 53 6.15 -11.27 30.30
C THR A 53 7.10 -12.38 29.85
N PHE A 54 7.57 -12.29 28.60
CA PHE A 54 8.47 -13.31 28.06
C PHE A 54 9.14 -12.78 26.81
N ASP A 55 10.26 -13.41 26.43
CA ASP A 55 10.95 -13.02 25.22
C ASP A 55 10.27 -13.65 24.04
N ARG A 56 10.23 -12.94 22.91
CA ARG A 56 9.69 -13.52 21.72
C ARG A 56 10.78 -13.77 20.75
N LEU A 57 10.76 -14.95 20.17
CA LEU A 57 11.66 -15.32 19.11
C LEU A 57 10.73 -15.57 17.96
N GLN A 58 10.99 -14.90 16.87
CA GLN A 58 10.14 -15.03 15.69
C GLN A 58 11.01 -15.24 14.50
N VAL A 59 10.66 -16.22 13.69
CA VAL A 59 11.37 -16.54 12.47
C VAL A 59 10.31 -16.61 11.38
N LEU A 60 10.48 -15.81 10.35
CA LEU A 60 9.56 -15.77 9.21
C LEU A 60 10.16 -16.51 8.02
N ASP A 61 9.29 -17.08 7.19
CA ASP A 61 9.74 -17.88 6.06
C ASP A 61 8.98 -17.56 4.80
N ASP A 62 9.27 -18.28 3.69
CA ASP A 62 8.61 -17.98 2.42
C ASP A 62 7.09 -18.10 2.48
N HIS A 63 6.53 -19.11 3.20
CA HIS A 63 5.08 -19.24 3.26
C HIS A 63 4.46 -17.96 3.86
N TYR A 64 5.08 -17.43 4.93
CA TYR A 64 4.61 -16.21 5.59
C TYR A 64 4.66 -15.03 4.62
N ARG A 65 5.81 -14.87 3.94
CA ARG A 65 5.94 -13.78 2.98
C ARG A 65 4.96 -13.90 1.80
N ASP A 66 4.73 -15.13 1.30
CA ASP A 66 3.78 -15.35 0.21
C ASP A 66 2.37 -14.95 0.63
N VAL A 67 1.93 -15.41 1.83
CA VAL A 67 0.58 -15.11 2.29
C VAL A 67 0.46 -13.59 2.49
N LEU A 68 1.49 -12.95 3.09
CA LEU A 68 1.43 -11.52 3.31
C LEU A 68 1.21 -10.77 1.98
N LYS A 69 1.96 -11.14 0.93
CA LYS A 69 1.78 -10.47 -0.35
C LYS A 69 0.35 -10.69 -0.89
N GLU A 70 -0.24 -11.88 -0.70
CA GLU A 70 -1.62 -12.14 -1.15
C GLU A 70 -2.58 -11.21 -0.41
N MET A 71 -2.35 -11.01 0.91
CA MET A 71 -3.19 -10.17 1.76
C MET A 71 -3.09 -8.70 1.31
N LYS A 72 -1.86 -8.23 1.06
CA LYS A 72 -1.63 -6.84 0.62
C LYS A 72 -2.29 -6.58 -0.75
N ALA A 73 -2.26 -7.58 -1.68
CA ALA A 73 -2.91 -7.40 -2.98
C ALA A 73 -4.42 -7.14 -2.79
N LYS A 74 -5.05 -7.84 -1.81
CA LYS A 74 -6.47 -7.59 -1.55
C LYS A 74 -6.66 -6.25 -0.84
N ALA A 75 -5.77 -5.90 0.11
CA ALA A 75 -5.88 -4.62 0.80
C ALA A 75 -5.77 -3.46 -0.16
N SER A 76 -5.03 -3.64 -1.27
N SER A 76 -5.01 -3.61 -1.26
CA SER A 76 -4.79 -2.62 -2.31
CA SER A 76 -4.81 -2.53 -2.24
C SER A 76 -6.09 -2.17 -3.01
C SER A 76 -6.12 -2.12 -2.96
N THR A 77 -7.21 -2.87 -2.77
CA THR A 77 -8.51 -2.52 -3.38
C THR A 77 -9.28 -1.56 -2.51
N VAL A 78 -8.81 -1.29 -1.29
CA VAL A 78 -9.59 -0.49 -0.33
C VAL A 78 -9.30 0.98 -0.48
N LYS A 79 -10.36 1.81 -0.35
CA LYS A 79 -10.25 3.26 -0.26
C LYS A 79 -10.92 3.62 1.06
N ALA A 80 -10.14 4.17 1.97
CA ALA A 80 -10.59 4.47 3.32
C ALA A 80 -10.73 5.98 3.53
N LYS A 81 -11.79 6.36 4.24
CA LYS A 81 -12.17 7.73 4.53
C LYS A 81 -11.56 8.19 5.84
N LEU A 82 -11.18 9.45 5.90
CA LEU A 82 -10.73 10.07 7.13
C LEU A 82 -12.07 10.53 7.78
N LEU A 83 -12.29 10.24 9.07
CA LEU A 83 -13.48 10.72 9.74
C LEU A 83 -13.24 12.16 10.23
N SER A 84 -14.29 12.99 10.24
CA SER A 84 -14.17 14.31 10.81
C SER A 84 -14.12 14.17 12.34
N ILE A 85 -13.70 15.23 13.04
CA ILE A 85 -13.68 15.24 14.52
C ILE A 85 -15.11 14.92 15.01
N GLU A 86 -16.15 15.57 14.42
CA GLU A 86 -17.55 15.32 14.81
C GLU A 86 -17.96 13.83 14.68
N GLU A 87 -17.62 13.19 13.55
CA GLU A 87 -17.96 11.79 13.34
C GLU A 87 -17.27 10.92 14.38
N ALA A 88 -15.99 11.23 14.67
CA ALA A 88 -15.23 10.42 15.62
C ALA A 88 -15.73 10.61 17.06
N CYS A 89 -16.18 11.86 17.38
CA CYS A 89 -16.75 12.15 18.70
C CYS A 89 -18.01 11.32 18.94
N LYS A 90 -18.83 11.17 17.91
CA LYS A 90 -20.11 10.44 17.99
C LYS A 90 -19.92 8.94 18.23
N LEU A 91 -18.72 8.42 17.89
CA LEU A 91 -18.40 7.00 18.09
C LEU A 91 -17.86 6.76 19.51
N THR A 92 -17.70 7.82 20.32
CA THR A 92 -17.19 7.67 21.69
C THR A 92 -18.29 7.25 22.66
N PRO A 93 -18.11 6.13 23.40
CA PRO A 93 -19.15 5.77 24.40
C PRO A 93 -19.31 6.85 25.46
N PRO A 94 -20.56 7.12 25.87
CA PRO A 94 -20.81 8.15 26.91
C PRO A 94 -20.03 7.95 28.23
N HIS A 95 -19.65 6.71 28.56
CA HIS A 95 -18.94 6.41 29.81
C HIS A 95 -17.46 6.06 29.58
N SER A 96 -16.94 6.40 28.41
CA SER A 96 -15.53 6.19 28.08
C SER A 96 -14.67 6.91 29.12
N ALA A 97 -13.51 6.39 29.46
CA ALA A 97 -12.62 7.03 30.45
C ALA A 97 -12.30 8.47 30.09
N LYS A 98 -12.48 9.39 31.05
CA LYS A 98 -12.20 10.82 30.83
C LYS A 98 -10.76 11.09 30.45
N SER A 99 -10.52 12.24 29.85
CA SER A 99 -9.17 12.64 29.51
C SER A 99 -8.47 13.15 30.76
N LYS A 100 -7.14 13.12 30.76
CA LYS A 100 -6.40 13.77 31.83
C LYS A 100 -6.29 15.29 31.53
N PHE A 101 -6.80 15.70 30.35
CA PHE A 101 -6.70 17.06 29.86
C PHE A 101 -7.94 17.93 30.05
N GLY A 102 -8.69 17.65 31.13
CA GLY A 102 -9.77 18.51 31.59
C GLY A 102 -11.15 18.35 31.01
N TYR A 103 -11.43 17.20 30.39
CA TYR A 103 -12.73 16.93 29.80
C TYR A 103 -13.00 15.42 29.79
N GLY A 104 -14.26 15.07 29.62
CA GLY A 104 -14.67 13.67 29.58
C GLY A 104 -15.46 13.30 28.35
N ALA A 105 -15.92 12.04 28.32
CA ALA A 105 -16.66 11.49 27.19
C ALA A 105 -17.93 12.28 26.85
N LYS A 106 -18.63 12.81 27.88
CA LYS A 106 -19.84 13.61 27.62
C LYS A 106 -19.49 14.89 26.90
N ASP A 107 -18.35 15.50 27.24
CA ASP A 107 -17.85 16.72 26.59
C ASP A 107 -17.46 16.41 25.13
N VAL A 108 -16.83 15.24 24.89
CA VAL A 108 -16.51 14.82 23.51
C VAL A 108 -17.81 14.69 22.69
N ARG A 109 -18.82 13.98 23.23
CA ARG A 109 -20.08 13.74 22.54
C ARG A 109 -20.85 15.03 22.24
N ASN A 110 -20.74 16.01 23.17
CA ASN A 110 -21.37 17.33 23.04
C ASN A 110 -20.55 18.29 22.18
N LEU A 111 -19.37 17.84 21.68
CA LEU A 111 -18.48 18.69 20.88
C LEU A 111 -18.09 19.96 21.64
N SER A 112 -17.82 19.82 22.94
CA SER A 112 -17.42 20.97 23.78
C SER A 112 -16.14 21.57 23.24
N SER A 113 -16.03 22.90 23.32
CA SER A 113 -14.83 23.58 22.82
C SER A 113 -13.53 23.01 23.39
N ARG A 114 -13.47 22.76 24.71
CA ARG A 114 -12.26 22.24 25.32
C ARG A 114 -11.89 20.86 24.72
N ALA A 115 -12.89 19.99 24.57
CA ALA A 115 -12.69 18.64 24.02
C ALA A 115 -12.20 18.74 22.56
N VAL A 116 -12.96 19.46 21.73
CA VAL A 116 -12.63 19.59 20.31
C VAL A 116 -11.24 20.24 20.11
N ASN A 117 -10.95 21.31 20.85
CA ASN A 117 -9.63 21.96 20.73
C ASN A 117 -8.51 21.00 21.11
N HIS A 118 -8.73 20.21 22.18
CA HIS A 118 -7.69 19.30 22.60
C HIS A 118 -7.50 18.19 21.55
N ILE A 119 -8.60 17.59 21.07
CA ILE A 119 -8.52 16.55 20.04
C ILE A 119 -7.76 17.09 18.81
N ARG A 120 -8.10 18.32 18.38
CA ARG A 120 -7.38 18.90 17.23
C ARG A 120 -5.88 19.02 17.52
N SER A 121 -5.48 19.45 18.75
CA SER A 121 -4.08 19.56 19.11
C SER A 121 -3.37 18.20 19.07
N VAL A 122 -4.08 17.15 19.50
CA VAL A 122 -3.53 15.78 19.48
C VAL A 122 -3.34 15.32 18.05
N TRP A 123 -4.30 15.62 17.17
CA TRP A 123 -4.22 15.26 15.77
C TRP A 123 -3.01 15.95 15.11
N GLU A 124 -2.89 17.27 15.30
CA GLU A 124 -1.74 17.98 14.74
C GLU A 124 -0.44 17.42 15.25
N ASP A 125 -0.39 17.03 16.53
CA ASP A 125 0.83 16.43 17.11
C ASP A 125 1.16 15.08 16.43
N LEU A 126 0.14 14.26 16.09
CA LEU A 126 0.41 13.02 15.36
C LEU A 126 1.01 13.33 13.98
N LEU A 127 0.53 14.42 13.34
CA LEU A 127 1.03 14.76 12.00
C LEU A 127 2.46 15.27 12.04
N GLU A 128 2.84 15.98 13.11
CA GLU A 128 4.15 16.63 13.20
C GLU A 128 5.21 15.78 13.81
N ASP A 129 4.84 14.94 14.80
CA ASP A 129 5.81 14.19 15.57
C ASP A 129 5.66 12.69 15.25
N THR A 130 6.73 12.09 14.68
CA THR A 130 6.64 10.70 14.23
C THR A 130 7.27 9.71 15.21
N GLU A 131 7.79 10.20 16.34
CA GLU A 131 8.59 9.36 17.24
C GLU A 131 8.21 9.34 18.70
N THR A 132 7.82 10.48 19.31
CA THR A 132 7.66 10.51 20.78
C THR A 132 6.70 9.40 21.24
N PRO A 133 7.10 8.48 22.15
CA PRO A 133 6.14 7.46 22.60
C PRO A 133 4.95 8.10 23.29
N ILE A 134 3.76 7.56 23.00
CA ILE A 134 2.51 8.08 23.56
C ILE A 134 2.26 7.37 24.88
N ASP A 135 1.92 8.12 25.91
CA ASP A 135 1.66 7.52 27.21
C ASP A 135 0.45 6.57 27.15
N THR A 136 0.47 5.53 28.01
CA THR A 136 -0.69 4.66 28.15
C THR A 136 -0.87 4.38 29.63
N THR A 137 -2.09 4.11 30.01
CA THR A 137 -2.40 3.67 31.36
C THR A 137 -2.55 2.15 31.30
N ILE A 138 -2.05 1.51 32.34
CA ILE A 138 -2.22 0.07 32.53
C ILE A 138 -3.12 -0.14 33.77
N MET A 139 -4.16 -0.95 33.60
CA MET A 139 -5.09 -1.25 34.70
C MET A 139 -5.38 -2.76 34.75
N ALA A 140 -5.75 -3.28 35.95
CA ALA A 140 -6.22 -4.65 36.02
C ALA A 140 -7.72 -4.61 35.66
N LYS A 141 -8.15 -5.53 34.80
CA LYS A 141 -9.55 -5.62 34.36
C LYS A 141 -10.37 -6.28 35.45
N SER A 142 -11.62 -5.84 35.58
CA SER A 142 -12.55 -6.43 36.54
C SER A 142 -13.52 -7.29 35.72
N GLU A 143 -13.39 -8.61 35.81
CA GLU A 143 -14.25 -9.55 35.07
C GLU A 143 -14.73 -10.61 36.03
N VAL A 144 -15.95 -11.10 35.84
CA VAL A 144 -16.57 -12.07 36.73
C VAL A 144 -16.49 -13.49 36.16
N PHE A 145 -16.18 -14.44 37.05
CA PHE A 145 -16.10 -15.84 36.68
C PHE A 145 -16.63 -16.72 37.83
N CYS A 146 -16.79 -18.00 37.54
CA CYS A 146 -17.12 -19.02 38.54
C CYS A 146 -15.79 -19.70 38.86
N VAL A 147 -15.59 -20.05 40.13
CA VAL A 147 -14.38 -20.77 40.58
C VAL A 147 -14.23 -22.11 39.83
N GLN A 148 -12.97 -22.47 39.49
CA GLN A 148 -12.59 -23.72 38.78
C GLN A 148 -13.37 -23.96 37.48
N ARG A 154 -8.41 -19.63 40.92
CA ARG A 154 -8.97 -18.43 40.30
C ARG A 154 -8.07 -17.88 39.22
N LYS A 155 -8.69 -17.22 38.25
CA LYS A 155 -7.97 -16.62 37.15
C LYS A 155 -7.44 -15.28 37.63
N PRO A 156 -6.17 -14.94 37.35
CA PRO A 156 -5.68 -13.59 37.69
C PRO A 156 -6.32 -12.57 36.73
N ALA A 157 -6.38 -11.31 37.15
CA ALA A 157 -6.93 -10.23 36.29
C ALA A 157 -6.20 -10.11 34.98
N ARG A 158 -6.93 -9.80 33.90
CA ARG A 158 -6.26 -9.46 32.64
C ARG A 158 -5.82 -7.99 32.79
N LEU A 159 -4.83 -7.61 32.01
CA LEU A 159 -4.33 -6.25 32.06
C LEU A 159 -4.77 -5.52 30.82
N ILE A 160 -5.27 -4.31 31.01
CA ILE A 160 -5.72 -3.48 29.89
C ILE A 160 -4.78 -2.29 29.75
N VAL A 161 -4.41 -1.94 28.51
CA VAL A 161 -3.48 -0.84 28.25
C VAL A 161 -4.15 0.08 27.23
N PHE A 162 -4.28 1.38 27.56
CA PHE A 162 -4.97 2.29 26.65
C PHE A 162 -4.44 3.70 26.76
N PRO A 163 -4.47 4.44 25.63
CA PRO A 163 -4.00 5.83 25.67
C PRO A 163 -5.14 6.77 26.10
N ASP A 164 -4.81 8.06 26.26
CA ASP A 164 -5.79 9.06 26.66
C ASP A 164 -6.94 9.23 25.65
N LEU A 165 -8.10 9.71 26.16
CA LEU A 165 -9.30 9.95 25.36
C LEU A 165 -9.03 10.78 24.07
N GLY A 166 -8.23 11.84 24.14
CA GLY A 166 -7.93 12.64 22.95
C GLY A 166 -7.29 11.80 21.86
N VAL A 167 -6.32 10.95 22.26
CA VAL A 167 -5.67 10.04 21.27
C VAL A 167 -6.71 9.06 20.70
N ARG A 168 -7.58 8.51 21.57
CA ARG A 168 -8.59 7.54 21.11
C ARG A 168 -9.50 8.15 20.04
N VAL A 169 -9.85 9.41 20.21
CA VAL A 169 -10.67 10.09 19.19
C VAL A 169 -9.88 10.21 17.86
N CYS A 170 -8.60 10.54 17.95
CA CYS A 170 -7.71 10.63 16.78
C CYS A 170 -7.57 9.28 16.07
N GLU A 171 -7.48 8.17 16.85
CA GLU A 171 -7.40 6.85 16.25
C GLU A 171 -8.64 6.62 15.37
N LYS A 172 -9.84 7.01 15.86
CA LYS A 172 -11.05 6.82 15.05
C LYS A 172 -10.93 7.63 13.77
N MET A 173 -10.52 8.89 13.87
CA MET A 173 -10.42 9.71 12.65
C MET A 173 -9.54 9.06 11.59
N ALA A 174 -8.37 8.56 11.98
CA ALA A 174 -7.44 7.97 11.02
C ALA A 174 -7.79 6.55 10.54
N LEU A 175 -8.32 5.73 11.47
CA LEU A 175 -8.44 4.30 11.25
C LEU A 175 -9.82 3.65 11.40
N TYR A 176 -10.86 4.38 11.82
CA TYR A 176 -12.14 3.67 11.99
C TYR A 176 -12.62 3.05 10.69
N ASP A 177 -12.52 3.79 9.58
CA ASP A 177 -12.98 3.24 8.31
C ASP A 177 -12.10 2.09 7.86
N VAL A 178 -10.78 2.19 8.08
CA VAL A 178 -9.84 1.10 7.72
C VAL A 178 -10.18 -0.18 8.50
N VAL A 179 -10.28 -0.09 9.84
CA VAL A 179 -10.56 -1.28 10.64
C VAL A 179 -11.97 -1.85 10.43
N SER A 180 -12.87 -1.02 9.88
CA SER A 180 -14.23 -1.49 9.58
C SER A 180 -14.39 -2.15 8.24
N THR A 181 -13.52 -1.81 7.28
N THR A 181 -13.53 -1.78 7.26
CA THR A 181 -13.69 -2.31 5.91
CA THR A 181 -13.65 -2.22 5.87
C THR A 181 -12.56 -3.18 5.39
C THR A 181 -12.56 -3.19 5.42
N LEU A 182 -11.33 -2.93 5.84
CA LEU A 182 -10.19 -3.71 5.36
C LEU A 182 -10.21 -5.20 5.72
N PRO A 183 -10.58 -5.59 6.97
CA PRO A 183 -10.54 -7.04 7.30
C PRO A 183 -11.33 -7.93 6.33
N GLN A 184 -12.58 -7.54 5.99
CA GLN A 184 -13.37 -8.36 5.06
C GLN A 184 -12.78 -8.34 3.65
N ALA A 185 -12.21 -7.17 3.22
CA ALA A 185 -11.61 -7.12 1.89
C ALA A 185 -10.42 -8.07 1.77
N VAL A 186 -9.64 -8.21 2.86
CA VAL A 186 -8.44 -9.03 2.87
C VAL A 186 -8.73 -10.50 3.12
N MET A 187 -9.58 -10.79 4.12
CA MET A 187 -9.80 -12.19 4.55
C MET A 187 -11.07 -12.86 4.01
N GLY A 188 -11.91 -12.08 3.34
CA GLY A 188 -13.12 -12.61 2.74
C GLY A 188 -14.00 -13.37 3.74
N SER A 189 -14.43 -14.58 3.32
CA SER A 189 -15.34 -15.38 4.14
C SER A 189 -14.74 -15.86 5.46
N SER A 190 -13.41 -15.79 5.62
CA SER A 190 -12.77 -16.23 6.87
C SER A 190 -12.92 -15.19 7.98
N TYR A 191 -13.33 -13.95 7.62
CA TYR A 191 -13.39 -12.91 8.63
C TYR A 191 -14.65 -13.09 9.49
N GLY A 192 -14.46 -13.52 10.75
CA GLY A 192 -15.59 -13.86 11.59
C GLY A 192 -16.63 -12.79 11.89
N PHE A 193 -16.18 -11.54 11.98
CA PHE A 193 -17.07 -10.48 12.45
C PHE A 193 -18.13 -10.01 11.45
N GLN A 194 -18.11 -10.55 10.22
CA GLN A 194 -19.12 -10.15 9.21
C GLN A 194 -20.42 -10.94 9.40
N TYR A 195 -20.43 -11.93 10.32
CA TYR A 195 -21.57 -12.83 10.46
C TYR A 195 -22.36 -12.64 11.70
N SER A 196 -23.68 -12.70 11.55
CA SER A 196 -24.53 -12.74 12.74
C SER A 196 -24.38 -14.17 13.28
N PRO A 197 -24.89 -14.50 14.49
CA PRO A 197 -24.74 -15.89 14.94
C PRO A 197 -25.36 -16.89 13.95
N LYS A 198 -26.52 -16.61 13.39
CA LYS A 198 -27.17 -17.53 12.42
C LYS A 198 -26.29 -17.69 11.16
N GLN A 199 -25.67 -16.60 10.71
CA GLN A 199 -24.80 -16.67 9.54
C GLN A 199 -23.52 -17.41 9.88
N ARG A 200 -23.03 -17.27 11.13
CA ARG A 200 -21.83 -18.00 11.55
C ARG A 200 -22.11 -19.50 11.57
N VAL A 201 -23.24 -19.94 12.17
N VAL A 201 -23.29 -19.91 12.13
CA VAL A 201 -23.54 -21.38 12.18
CA VAL A 201 -23.73 -21.32 12.16
C VAL A 201 -23.76 -21.94 10.75
C VAL A 201 -23.72 -21.88 10.74
N GLU A 202 -24.36 -21.13 9.85
CA GLU A 202 -24.55 -21.48 8.43
C GLU A 202 -23.18 -21.69 7.76
N PHE A 203 -22.24 -20.74 7.98
CA PHE A 203 -20.89 -20.87 7.41
C PHE A 203 -20.17 -22.10 7.97
N LEU A 204 -20.25 -22.35 9.30
CA LEU A 204 -19.57 -23.51 9.86
C LEU A 204 -20.18 -24.82 9.33
N VAL A 205 -21.52 -24.93 9.34
CA VAL A 205 -22.20 -26.16 8.92
C VAL A 205 -21.93 -26.44 7.42
N ASN A 206 -22.07 -25.40 6.57
CA ASN A 206 -21.82 -25.52 5.13
C ASN A 206 -20.38 -25.88 4.85
N THR A 207 -19.43 -25.22 5.53
CA THR A 207 -17.99 -25.53 5.38
C THR A 207 -17.74 -26.99 5.75
N TRP A 208 -18.25 -27.41 6.92
CA TRP A 208 -18.08 -28.79 7.37
C TRP A 208 -18.56 -29.80 6.33
N LYS A 209 -19.83 -29.65 5.92
CA LYS A 209 -20.51 -30.51 4.95
C LYS A 209 -19.86 -30.48 3.55
N SER A 210 -19.18 -29.38 3.17
CA SER A 210 -18.51 -29.18 1.86
C SER A 210 -17.29 -30.07 1.66
N LYS A 211 -16.69 -30.53 2.75
CA LYS A 211 -15.51 -31.39 2.69
C LYS A 211 -15.94 -32.84 2.42
N LYS A 212 -15.12 -33.59 1.69
CA LYS A 212 -15.35 -35.01 1.40
C LYS A 212 -15.28 -35.83 2.70
N CYS A 213 -14.25 -35.56 3.52
CA CYS A 213 -14.02 -36.19 4.82
C CYS A 213 -13.44 -35.08 5.71
N PRO A 214 -14.32 -34.34 6.43
CA PRO A 214 -13.82 -33.18 7.19
C PRO A 214 -13.05 -33.50 8.46
N MET A 215 -12.12 -32.61 8.79
CA MET A 215 -11.39 -32.64 10.05
C MET A 215 -11.34 -31.15 10.40
N GLY A 216 -11.53 -30.86 11.67
CA GLY A 216 -11.47 -29.48 12.13
C GLY A 216 -10.72 -29.36 13.43
N PHE A 217 -10.20 -28.15 13.72
CA PHE A 217 -9.58 -27.93 14.98
C PHE A 217 -9.61 -26.45 15.37
N SER A 218 -9.67 -26.18 16.66
CA SER A 218 -9.50 -24.83 17.22
C SER A 218 -8.02 -24.70 17.61
N TYR A 219 -7.47 -23.50 17.48
CA TYR A 219 -6.07 -23.31 17.86
C TYR A 219 -6.01 -22.20 18.86
N ASP A 220 -5.60 -22.51 20.09
CA ASP A 220 -5.52 -21.55 21.16
C ASP A 220 -4.11 -21.04 21.30
N THR A 221 -3.86 -19.76 20.99
CA THR A 221 -2.52 -19.20 21.16
C THR A 221 -2.43 -18.73 22.59
N ARG A 222 -1.34 -19.05 23.28
CA ARG A 222 -1.22 -18.59 24.64
C ARG A 222 -0.84 -17.09 24.72
N CYS A 223 -1.58 -16.30 25.54
CA CYS A 223 -1.34 -14.85 25.78
C CYS A 223 -1.12 -14.15 24.44
N PHE A 224 -2.04 -14.32 23.46
CA PHE A 224 -1.83 -13.81 22.11
C PHE A 224 -1.27 -12.38 22.04
N ASP A 225 -1.82 -11.44 22.83
CA ASP A 225 -1.35 -10.04 22.74
C ASP A 225 0.16 -9.95 23.03
N SER A 226 0.65 -10.76 23.98
CA SER A 226 2.10 -10.76 24.31
C SER A 226 2.95 -11.36 23.22
N THR A 227 2.39 -12.27 22.36
CA THR A 227 3.13 -12.91 21.30
C THR A 227 3.28 -12.01 20.05
N VAL A 228 2.47 -10.94 19.98
CA VAL A 228 2.54 -10.01 18.85
C VAL A 228 3.81 -9.17 18.93
N THR A 229 4.64 -9.28 17.91
CA THR A 229 5.95 -8.60 17.92
C THR A 229 5.89 -7.24 17.24
N GLU A 230 6.98 -6.49 17.37
N GLU A 230 6.97 -6.45 17.37
CA GLU A 230 7.17 -5.19 16.71
CA GLU A 230 7.04 -5.14 16.69
C GLU A 230 7.00 -5.41 15.20
C GLU A 230 7.01 -5.36 15.16
N SER A 231 7.61 -6.47 14.68
CA SER A 231 7.56 -6.84 13.27
C SER A 231 6.09 -7.09 12.85
N ASP A 232 5.33 -7.83 13.68
CA ASP A 232 3.93 -8.08 13.34
C ASP A 232 3.15 -6.77 13.21
N ILE A 233 3.39 -5.80 14.12
N ILE A 233 3.41 -5.80 14.12
CA ILE A 233 2.65 -4.54 14.12
CA ILE A 233 2.73 -4.50 14.14
C ILE A 233 3.07 -3.64 12.94
C ILE A 233 3.06 -3.72 12.89
N ARG A 234 4.33 -3.75 12.47
CA ARG A 234 4.75 -3.03 11.27
C ARG A 234 4.22 -3.72 9.99
N VAL A 235 4.09 -5.07 10.02
CA VAL A 235 3.52 -5.82 8.91
C VAL A 235 2.05 -5.44 8.78
N GLU A 236 1.35 -5.37 9.91
CA GLU A 236 -0.05 -4.95 9.95
C GLU A 236 -0.16 -3.53 9.32
N GLU A 237 0.72 -2.62 9.73
CA GLU A 237 0.72 -1.27 9.16
C GLU A 237 0.95 -1.34 7.63
N SER A 238 1.82 -2.26 7.16
CA SER A 238 2.12 -2.37 5.70
C SER A 238 0.85 -2.74 4.93
N ILE A 239 -0.05 -3.52 5.57
CA ILE A 239 -1.33 -3.87 4.97
C ILE A 239 -2.23 -2.60 4.96
N TYR A 240 -2.33 -1.88 6.09
CA TYR A 240 -3.13 -0.64 6.12
C TYR A 240 -2.65 0.37 5.11
N GLN A 241 -1.33 0.47 4.90
CA GLN A 241 -0.75 1.44 3.96
C GLN A 241 -1.10 1.15 2.47
N CYS A 242 -1.63 -0.06 2.16
CA CYS A 242 -2.09 -0.38 0.80
C CYS A 242 -3.41 0.31 0.48
N CYS A 243 -4.13 0.83 1.51
CA CYS A 243 -5.37 1.54 1.22
C CYS A 243 -5.07 2.85 0.52
N ASP A 244 -6.08 3.35 -0.22
CA ASP A 244 -6.06 4.74 -0.67
C ASP A 244 -6.42 5.51 0.62
N LEU A 245 -5.58 6.48 1.00
CA LEU A 245 -5.74 7.23 2.25
C LEU A 245 -5.50 8.70 1.99
N ALA A 246 -6.18 9.53 2.77
CA ALA A 246 -5.93 10.96 2.78
C ALA A 246 -4.49 11.12 3.33
N PRO A 247 -3.73 12.11 2.86
CA PRO A 247 -2.33 12.25 3.33
C PRO A 247 -2.23 12.36 4.86
N GLU A 248 -3.16 13.08 5.51
CA GLU A 248 -3.09 13.21 6.97
C GLU A 248 -3.38 11.84 7.63
N ALA A 249 -4.28 11.02 7.03
CA ALA A 249 -4.55 9.67 7.57
C ALA A 249 -3.28 8.81 7.41
N ARG A 250 -2.58 8.91 6.26
CA ARG A 250 -1.35 8.11 6.09
C ARG A 250 -0.32 8.46 7.17
N GLN A 251 -0.12 9.79 7.41
CA GLN A 251 0.83 10.18 8.44
C GLN A 251 0.33 9.78 9.83
N ALA A 252 -0.98 9.97 10.13
CA ALA A 252 -1.45 9.58 11.46
C ALA A 252 -1.24 8.08 11.68
N ILE A 253 -1.47 7.24 10.65
CA ILE A 253 -1.29 5.78 10.81
C ILE A 253 0.19 5.47 11.04
N ARG A 254 1.09 6.13 10.30
CA ARG A 254 2.53 5.96 10.44
C ARG A 254 2.97 6.37 11.87
N SER A 255 2.53 7.56 12.33
CA SER A 255 2.86 8.05 13.67
C SER A 255 2.25 7.17 14.76
N LEU A 256 0.98 6.77 14.64
CA LEU A 256 0.36 5.90 15.66
C LEU A 256 1.07 4.55 15.74
N THR A 257 1.47 4.02 14.58
CA THR A 257 2.21 2.73 14.58
C THR A 257 3.47 2.82 15.41
N GLU A 258 4.30 3.83 15.18
CA GLU A 258 5.57 3.88 15.90
C GLU A 258 5.45 4.42 17.31
N ARG A 259 4.46 5.28 17.58
CA ARG A 259 4.36 5.94 18.87
C ARG A 259 3.47 5.22 19.87
N LEU A 260 2.58 4.36 19.37
CA LEU A 260 1.59 3.73 20.22
C LEU A 260 1.46 2.23 19.94
N TYR A 261 1.17 1.87 18.69
CA TYR A 261 0.84 0.47 18.45
C TYR A 261 1.99 -0.51 18.69
N ILE A 262 3.22 -0.15 18.31
CA ILE A 262 4.35 -1.08 18.49
C ILE A 262 4.76 -1.26 19.93
N GLY A 263 4.42 -0.28 20.76
CA GLY A 263 4.81 -0.28 22.16
C GLY A 263 4.88 1.11 22.75
N GLY A 264 5.29 1.17 23.99
CA GLY A 264 5.34 2.45 24.67
C GLY A 264 5.32 2.30 26.17
N PRO A 265 5.49 3.45 26.86
CA PRO A 265 5.56 3.45 28.33
C PRO A 265 4.21 3.16 28.95
N LEU A 266 4.23 2.55 30.13
CA LEU A 266 3.04 2.20 30.90
C LEU A 266 3.03 3.01 32.17
N THR A 267 1.90 3.65 32.47
CA THR A 267 1.72 4.47 33.65
C THR A 267 0.57 3.86 34.47
N ASN A 268 0.72 3.75 35.80
CA ASN A 268 -0.40 3.23 36.57
C ASN A 268 -1.41 4.33 36.89
N SER A 269 -2.52 3.99 37.58
CA SER A 269 -3.58 4.96 37.92
C SER A 269 -3.05 6.11 38.79
N LYS A 270 -1.93 5.90 39.53
CA LYS A 270 -1.32 6.91 40.41
C LYS A 270 -0.34 7.82 39.68
N GLY A 271 -0.15 7.60 38.38
CA GLY A 271 0.74 8.41 37.57
C GLY A 271 2.19 7.99 37.59
N GLN A 272 2.47 6.81 38.17
CA GLN A 272 3.83 6.32 38.27
C GLN A 272 4.21 5.52 37.05
N ASN A 273 5.48 5.65 36.63
CA ASN A 273 6.04 4.90 35.50
C ASN A 273 6.10 3.44 35.93
N CYS A 274 5.34 2.60 35.22
N CYS A 274 5.34 2.58 35.23
CA CYS A 274 5.12 1.18 35.52
CA CYS A 274 5.18 1.14 35.51
C CYS A 274 6.01 0.22 34.73
C CYS A 274 6.10 0.23 34.74
N GLY A 275 6.35 0.57 33.51
CA GLY A 275 7.14 -0.30 32.67
C GLY A 275 7.02 0.08 31.23
N TYR A 276 7.32 -0.87 30.37
CA TYR A 276 7.35 -0.62 28.94
C TYR A 276 6.83 -1.82 28.21
N ARG A 277 5.98 -1.57 27.20
CA ARG A 277 5.32 -2.58 26.40
C ARG A 277 5.96 -2.63 25.01
N ARG A 278 6.22 -3.84 24.51
CA ARG A 278 6.73 -4.09 23.16
C ARG A 278 5.84 -5.15 22.46
N CYS A 279 4.54 -5.09 22.75
CA CYS A 279 3.60 -6.06 22.18
C CYS A 279 2.26 -5.34 22.03
N ARG A 280 1.23 -6.09 21.67
CA ARG A 280 -0.10 -5.51 21.44
C ARG A 280 -0.70 -4.89 22.72
N ALA A 281 -1.24 -3.65 22.64
CA ALA A 281 -2.02 -3.03 23.71
C ALA A 281 -3.46 -3.52 23.52
N SER A 282 -4.14 -3.88 24.60
CA SER A 282 -5.51 -4.40 24.45
C SER A 282 -6.50 -3.30 24.08
N GLY A 283 -6.22 -2.07 24.50
CA GLY A 283 -7.19 -0.99 24.43
C GLY A 283 -6.92 0.08 23.42
N VAL A 284 -6.67 -0.34 22.18
CA VAL A 284 -6.50 0.62 21.10
C VAL A 284 -7.41 0.21 19.95
N LEU A 285 -7.65 1.14 19.02
CA LEU A 285 -8.65 0.84 17.97
C LEU A 285 -8.29 -0.32 17.05
N THR A 286 -6.99 -0.52 16.80
CA THR A 286 -6.52 -1.54 15.89
C THR A 286 -6.38 -2.94 16.51
N THR A 287 -6.64 -3.10 17.83
CA THR A 287 -6.43 -4.43 18.43
C THR A 287 -7.21 -5.54 17.74
N SER A 288 -8.52 -5.34 17.56
CA SER A 288 -9.29 -6.43 16.95
C SER A 288 -8.86 -6.75 15.54
N CYS A 289 -8.79 -5.72 14.70
CA CYS A 289 -8.40 -5.89 13.29
C CYS A 289 -6.98 -6.45 13.18
N GLY A 290 -6.06 -5.86 13.93
CA GLY A 290 -4.65 -6.28 13.93
C GLY A 290 -4.49 -7.71 14.38
N ASN A 291 -5.16 -8.06 15.50
CA ASN A 291 -5.08 -9.45 15.94
C ASN A 291 -5.63 -10.41 14.92
N THR A 292 -6.78 -10.05 14.32
CA THR A 292 -7.38 -10.94 13.33
C THR A 292 -6.43 -11.14 12.13
N LEU A 293 -5.89 -10.04 11.59
CA LEU A 293 -5.00 -10.11 10.45
C LEU A 293 -3.76 -10.93 10.77
N THR A 294 -3.19 -10.71 11.97
CA THR A 294 -1.95 -11.38 12.41
C THR A 294 -2.21 -12.89 12.59
N CYS A 295 -3.31 -13.23 13.23
CA CYS A 295 -3.69 -14.62 13.43
C CYS A 295 -3.97 -15.30 12.06
N TYR A 296 -4.70 -14.62 11.17
CA TYR A 296 -5.02 -15.16 9.85
C TYR A 296 -3.74 -15.37 9.04
N LEU A 297 -2.85 -14.40 9.06
CA LEU A 297 -1.60 -14.48 8.32
C LEU A 297 -0.77 -15.68 8.81
N LYS A 298 -0.48 -15.72 10.11
CA LYS A 298 0.31 -16.81 10.69
C LYS A 298 -0.34 -18.16 10.40
N ALA A 299 -1.67 -18.27 10.60
CA ALA A 299 -2.33 -19.57 10.43
C ALA A 299 -2.39 -20.01 8.97
N THR A 300 -2.65 -19.06 8.04
CA THR A 300 -2.68 -19.40 6.61
C THR A 300 -1.32 -19.92 6.15
N ALA A 301 -0.26 -19.26 6.60
CA ALA A 301 1.09 -19.66 6.25
C ALA A 301 1.40 -21.01 6.90
N ALA A 302 0.99 -21.21 8.17
CA ALA A 302 1.23 -22.46 8.92
C ALA A 302 0.49 -23.63 8.29
N CYS A 303 -0.72 -23.40 7.71
N CYS A 303 -0.71 -23.38 7.74
CA CYS A 303 -1.47 -24.43 6.99
CA CYS A 303 -1.46 -24.42 7.03
C CYS A 303 -0.68 -24.93 5.80
C CYS A 303 -0.65 -24.94 5.83
N ARG A 304 0.01 -24.02 5.09
CA ARG A 304 0.82 -24.37 3.92
C ARG A 304 2.05 -25.16 4.33
N ALA A 305 2.73 -24.73 5.42
CA ALA A 305 3.91 -25.40 5.97
C ALA A 305 3.53 -26.84 6.38
N ALA A 306 2.35 -27.00 7.01
CA ALA A 306 1.85 -28.28 7.52
C ALA A 306 1.27 -29.19 6.46
N LYS A 307 1.10 -28.69 5.22
CA LYS A 307 0.48 -29.39 4.10
C LYS A 307 -0.96 -29.87 4.42
N LEU A 308 -1.72 -29.05 5.18
CA LEU A 308 -3.12 -29.33 5.46
C LEU A 308 -3.86 -29.10 4.15
N GLN A 309 -4.81 -29.96 3.81
CA GLN A 309 -5.52 -29.92 2.54
C GLN A 309 -6.87 -29.22 2.59
N ASP A 310 -7.13 -28.31 1.60
CA ASP A 310 -8.41 -27.59 1.42
C ASP A 310 -8.92 -26.92 2.72
N CYS A 311 -8.05 -26.15 3.37
CA CYS A 311 -8.38 -25.44 4.61
C CYS A 311 -9.42 -24.34 4.39
N THR A 312 -10.27 -24.15 5.39
CA THR A 312 -11.20 -23.05 5.45
C THR A 312 -11.04 -22.57 6.87
N MET A 313 -10.61 -21.34 7.04
CA MET A 313 -10.48 -20.85 8.38
C MET A 313 -11.53 -19.83 8.74
N LEU A 314 -11.78 -19.71 10.04
CA LEU A 314 -12.72 -18.71 10.56
C LEU A 314 -11.99 -18.05 11.72
N VAL A 315 -11.75 -16.74 11.60
CA VAL A 315 -10.94 -16.00 12.57
C VAL A 315 -11.65 -14.78 13.16
N ASN A 316 -11.55 -14.62 14.48
CA ASN A 316 -12.09 -13.46 15.20
C ASN A 316 -11.05 -13.10 16.21
N GLY A 317 -10.26 -12.05 15.97
CA GLY A 317 -9.18 -11.70 16.88
C GLY A 317 -8.18 -12.85 16.91
N ASP A 318 -7.86 -13.31 18.13
CA ASP A 318 -6.95 -14.44 18.32
C ASP A 318 -7.68 -15.78 18.29
N ASP A 319 -9.00 -15.78 18.06
CA ASP A 319 -9.76 -17.03 18.08
C ASP A 319 -9.77 -17.60 16.70
N LEU A 320 -9.30 -18.85 16.55
CA LEU A 320 -9.14 -19.45 15.25
C LEU A 320 -9.69 -20.87 15.19
N VAL A 321 -10.43 -21.18 14.13
CA VAL A 321 -10.93 -22.52 13.86
C VAL A 321 -10.61 -22.85 12.41
N VAL A 322 -10.14 -24.06 12.17
CA VAL A 322 -9.79 -24.50 10.81
C VAL A 322 -10.56 -25.75 10.48
N ILE A 323 -11.17 -25.79 9.29
CA ILE A 323 -11.89 -26.98 8.82
C ILE A 323 -11.22 -27.38 7.52
N CYS A 324 -10.78 -28.64 7.45
CA CYS A 324 -10.07 -29.08 6.26
C CYS A 324 -10.47 -30.47 5.80
N GLU A 325 -9.78 -30.95 4.76
CA GLU A 325 -9.98 -32.27 4.19
C GLU A 325 -9.03 -33.25 4.90
N SER A 326 -9.58 -34.26 5.60
CA SER A 326 -8.78 -35.29 6.29
C SER A 326 -7.91 -36.09 5.32
N ALA A 327 -6.66 -36.34 5.71
CA ALA A 327 -5.68 -37.13 4.94
C ALA A 327 -5.53 -38.51 5.59
N GLY A 328 -6.36 -38.77 6.61
CA GLY A 328 -6.32 -39.97 7.42
C GLY A 328 -5.95 -39.56 8.83
N THR A 329 -6.29 -40.39 9.81
N THR A 329 -6.29 -40.40 9.82
CA THR A 329 -6.05 -40.14 11.24
CA THR A 329 -6.05 -40.13 11.26
C THR A 329 -4.61 -39.81 11.62
C THR A 329 -4.61 -39.83 11.66
N GLN A 330 -3.65 -40.66 11.22
CA GLN A 330 -2.24 -40.50 11.54
C GLN A 330 -1.65 -39.29 10.84
N GLU A 331 -2.01 -39.10 9.55
CA GLU A 331 -1.57 -37.99 8.72
C GLU A 331 -2.07 -36.67 9.29
N ASP A 332 -3.36 -36.62 9.69
CA ASP A 332 -3.94 -35.40 10.29
C ASP A 332 -3.22 -35.01 11.59
N ALA A 333 -2.94 -36.01 12.47
CA ALA A 333 -2.26 -35.80 13.74
C ALA A 333 -0.86 -35.20 13.54
N ALA A 334 -0.12 -35.73 12.55
CA ALA A 334 1.22 -35.27 12.19
C ALA A 334 1.15 -33.86 11.57
N ALA A 335 0.17 -33.62 10.66
CA ALA A 335 -0.03 -32.30 10.04
C ALA A 335 -0.37 -31.24 11.07
N LEU A 336 -1.20 -31.59 12.08
CA LEU A 336 -1.52 -30.64 13.15
C LEU A 336 -0.28 -30.30 13.97
N ARG A 337 0.61 -31.30 14.19
CA ARG A 337 1.85 -31.03 14.94
C ARG A 337 2.74 -30.09 14.11
N ALA A 338 2.78 -30.30 12.79
CA ALA A 338 3.56 -29.45 11.84
C ALA A 338 2.97 -28.01 11.84
N PHE A 339 1.64 -27.90 11.89
CA PHE A 339 0.98 -26.57 11.96
C PHE A 339 1.43 -25.84 13.23
N THR A 340 1.39 -26.52 14.39
CA THR A 340 1.75 -25.97 15.69
C THR A 340 3.21 -25.54 15.67
N GLU A 341 4.10 -26.36 15.06
CA GLU A 341 5.51 -26.00 14.98
C GLU A 341 5.71 -24.72 14.18
N ALA A 342 5.00 -24.58 13.04
CA ALA A 342 5.07 -23.38 12.20
C ALA A 342 4.51 -22.17 12.95
N MET A 343 3.34 -22.33 13.62
CA MET A 343 2.81 -21.23 14.42
C MET A 343 3.80 -20.76 15.50
N THR A 344 4.45 -21.73 16.18
CA THR A 344 5.44 -21.44 17.22
C THR A 344 6.61 -20.61 16.63
N ARG A 345 7.11 -21.01 15.46
CA ARG A 345 8.19 -20.26 14.78
C ARG A 345 7.72 -18.84 14.51
N TYR A 346 6.42 -18.68 14.16
CA TYR A 346 5.88 -17.34 13.90
C TYR A 346 5.56 -16.53 15.14
N SER A 347 5.85 -17.06 16.35
N SER A 347 5.82 -17.06 16.35
CA SER A 347 5.56 -16.45 17.65
CA SER A 347 5.52 -16.46 17.66
C SER A 347 4.03 -16.45 17.85
C SER A 347 4.00 -16.47 17.89
N ALA A 348 3.43 -17.67 17.86
CA ALA A 348 2.01 -17.89 18.15
C ALA A 348 2.00 -19.32 18.74
N PRO A 349 2.75 -19.53 19.86
CA PRO A 349 2.82 -20.87 20.46
C PRO A 349 1.46 -21.26 21.05
N PRO A 350 1.15 -22.56 21.16
CA PRO A 350 -0.17 -22.93 21.68
C PRO A 350 -0.31 -22.86 23.20
N GLY A 351 -1.54 -22.69 23.65
CA GLY A 351 -1.93 -22.79 25.05
C GLY A 351 -2.23 -24.27 25.20
N ASP A 352 -3.47 -24.65 24.91
CA ASP A 352 -3.83 -26.08 24.89
C ASP A 352 -3.35 -26.66 23.56
N PRO A 353 -2.61 -27.80 23.51
CA PRO A 353 -2.17 -28.33 22.21
C PRO A 353 -3.40 -28.68 21.37
N PRO A 354 -3.44 -28.28 20.07
CA PRO A 354 -4.64 -28.55 19.28
C PRO A 354 -4.90 -30.04 19.08
N GLN A 355 -6.17 -30.38 18.87
CA GLN A 355 -6.56 -31.77 18.65
C GLN A 355 -7.46 -31.88 17.44
N PRO A 356 -7.22 -32.86 16.53
CA PRO A 356 -8.11 -33.00 15.37
C PRO A 356 -9.49 -33.45 15.83
N GLU A 357 -10.54 -32.90 15.22
CA GLU A 357 -11.95 -33.27 15.53
C GLU A 357 -12.65 -33.69 14.27
N TYR A 358 -13.44 -34.76 14.37
CA TYR A 358 -14.13 -35.35 13.23
C TYR A 358 -15.64 -35.21 13.37
N ASP A 359 -16.07 -34.44 14.35
CA ASP A 359 -17.47 -34.10 14.62
C ASP A 359 -17.52 -32.58 14.85
N LEU A 360 -18.32 -31.87 14.02
CA LEU A 360 -18.47 -30.41 14.12
C LEU A 360 -18.96 -29.95 15.50
N GLU A 361 -19.82 -30.76 16.12
CA GLU A 361 -20.36 -30.44 17.43
C GLU A 361 -19.34 -30.44 18.57
N LEU A 362 -18.20 -31.13 18.40
CA LEU A 362 -17.13 -31.24 19.40
C LEU A 362 -16.16 -30.05 19.35
N ILE A 363 -16.25 -29.22 18.30
CA ILE A 363 -15.37 -28.06 18.16
C ILE A 363 -15.94 -26.84 18.88
N THR A 364 -15.09 -26.14 19.66
CA THR A 364 -15.43 -24.90 20.35
C THR A 364 -14.65 -23.81 19.66
N SER A 365 -15.35 -22.83 19.09
CA SER A 365 -14.72 -21.66 18.45
C SER A 365 -15.54 -20.46 18.92
N CYS A 366 -14.87 -19.34 19.27
N CYS A 366 -14.87 -19.36 19.30
CA CYS A 366 -15.53 -18.14 19.81
CA CYS A 366 -15.50 -18.17 19.90
C CYS A 366 -16.30 -18.60 21.09
C CYS A 366 -16.29 -18.62 21.13
N SER A 367 -15.69 -19.56 21.86
CA SER A 367 -16.23 -20.19 23.10
C SER A 367 -17.61 -20.88 22.87
N SER A 368 -17.94 -21.17 21.63
CA SER A 368 -19.25 -21.71 21.25
C SER A 368 -19.17 -22.97 20.43
N ASN A 369 -20.23 -23.75 20.46
CA ASN A 369 -20.33 -24.98 19.70
C ASN A 369 -21.66 -25.05 18.99
N VAL A 370 -21.63 -25.67 17.81
CA VAL A 370 -22.84 -25.90 17.02
C VAL A 370 -23.63 -27.02 17.73
N SER A 371 -24.94 -26.82 17.89
CA SER A 371 -25.81 -27.85 18.45
C SER A 371 -27.08 -27.85 17.61
N VAL A 372 -27.94 -28.86 17.79
CA VAL A 372 -29.16 -29.01 17.00
C VAL A 372 -30.40 -29.06 17.89
N ALA A 373 -31.48 -28.43 17.43
CA ALA A 373 -32.77 -28.55 18.09
C ALA A 373 -33.77 -28.65 16.97
N HIS A 374 -35.07 -28.65 17.28
CA HIS A 374 -36.10 -28.79 16.26
C HIS A 374 -37.08 -27.66 16.36
N ASP A 375 -37.61 -27.20 15.22
CA ASP A 375 -38.61 -26.12 15.27
C ASP A 375 -40.04 -26.68 15.50
N ALA A 376 -41.08 -25.81 15.40
CA ALA A 376 -42.46 -26.26 15.64
C ALA A 376 -42.91 -27.41 14.70
N SER A 377 -42.34 -27.47 13.48
CA SER A 377 -42.59 -28.51 12.46
C SER A 377 -41.77 -29.81 12.70
N GLY A 378 -40.81 -29.74 13.61
CA GLY A 378 -39.95 -30.88 13.92
C GLY A 378 -38.69 -30.93 13.09
N LYS A 379 -38.48 -29.93 12.23
CA LYS A 379 -37.29 -29.87 11.39
C LYS A 379 -36.06 -29.41 12.19
N ARG A 380 -34.89 -29.94 11.82
CA ARG A 380 -33.61 -29.65 12.47
C ARG A 380 -33.18 -28.20 12.23
N VAL A 381 -32.76 -27.54 13.30
CA VAL A 381 -32.25 -26.19 13.28
C VAL A 381 -30.91 -26.23 13.99
N TYR A 382 -29.85 -25.80 13.29
CA TYR A 382 -28.54 -25.70 13.95
C TYR A 382 -28.47 -24.30 14.58
N TYR A 383 -27.76 -24.19 15.70
CA TYR A 383 -27.63 -22.90 16.38
C TYR A 383 -26.37 -22.97 17.24
N LEU A 384 -25.87 -21.81 17.70
CA LEU A 384 -24.68 -21.81 18.51
C LEU A 384 -25.05 -21.68 19.98
N THR A 385 -24.37 -22.47 20.78
CA THR A 385 -24.53 -22.44 22.21
C THR A 385 -23.14 -22.42 22.88
N ARG A 386 -23.13 -22.37 24.21
CA ARG A 386 -21.87 -22.38 24.96
C ARG A 386 -22.18 -22.88 26.35
N ASP A 387 -21.13 -23.23 27.12
CA ASP A 387 -21.32 -23.59 28.53
C ASP A 387 -21.91 -22.31 29.21
N PRO A 388 -23.04 -22.38 29.97
CA PRO A 388 -23.64 -21.15 30.50
C PRO A 388 -23.07 -20.66 31.82
N THR A 389 -21.99 -21.30 32.32
CA THR A 389 -21.43 -20.93 33.61
C THR A 389 -21.07 -19.44 33.70
N THR A 390 -20.20 -18.96 32.78
CA THR A 390 -19.79 -17.55 32.84
C THR A 390 -20.98 -16.60 32.61
N PRO A 391 -21.84 -16.86 31.60
CA PRO A 391 -23.00 -15.99 31.42
C PRO A 391 -23.87 -15.93 32.67
N LEU A 392 -24.07 -17.07 33.37
CA LEU A 392 -24.95 -17.02 34.58
C LEU A 392 -24.26 -16.32 35.76
N ALA A 393 -22.95 -16.57 35.93
CA ALA A 393 -22.21 -15.90 37.00
C ALA A 393 -22.27 -14.37 36.81
N ARG A 394 -22.04 -13.91 35.56
CA ARG A 394 -22.07 -12.48 35.25
C ARG A 394 -23.47 -11.89 35.38
N ALA A 395 -24.51 -12.63 34.97
CA ALA A 395 -25.90 -12.20 35.12
C ALA A 395 -26.23 -12.01 36.60
N ALA A 396 -25.73 -12.91 37.48
CA ALA A 396 -25.93 -12.78 38.93
C ALA A 396 -25.25 -11.50 39.45
N TRP A 397 -24.01 -11.22 38.98
CA TRP A 397 -23.30 -10.02 39.39
C TRP A 397 -24.05 -8.76 38.96
N GLU A 398 -24.55 -8.76 37.72
CA GLU A 398 -25.28 -7.64 37.14
C GLU A 398 -26.65 -7.43 37.77
N THR A 399 -27.19 -8.47 38.42
CA THR A 399 -28.46 -8.37 39.13
C THR A 399 -28.19 -7.64 40.47
N ALA A 400 -27.05 -7.93 41.13
CA ALA A 400 -26.71 -7.36 42.45
C ALA A 400 -26.07 -5.99 42.36
N ARG A 401 -25.44 -5.68 41.22
CA ARG A 401 -24.73 -4.40 41.06
C ARG A 401 -25.05 -3.74 39.74
N HIS A 402 -25.03 -2.40 39.68
CA HIS A 402 -25.20 -1.71 38.41
C HIS A 402 -23.83 -1.72 37.69
N THR A 403 -23.77 -2.29 36.49
CA THR A 403 -22.51 -2.45 35.77
C THR A 403 -22.55 -1.61 34.49
N PRO A 404 -21.40 -1.09 33.98
CA PRO A 404 -21.46 -0.27 32.75
C PRO A 404 -21.98 -1.04 31.53
N ILE A 405 -21.64 -2.32 31.43
CA ILE A 405 -22.09 -3.20 30.34
C ILE A 405 -22.91 -4.33 30.92
N ASN A 406 -24.06 -4.59 30.32
CA ASN A 406 -24.92 -5.65 30.78
C ASN A 406 -24.67 -6.85 29.89
N SER A 407 -23.77 -7.76 30.33
CA SER A 407 -23.49 -8.96 29.56
C SER A 407 -24.78 -9.82 29.37
N TRP A 408 -25.70 -9.82 30.37
CA TRP A 408 -26.93 -10.61 30.25
C TRP A 408 -27.74 -10.26 28.99
N LEU A 409 -27.79 -8.97 28.66
CA LEU A 409 -28.54 -8.48 27.50
C LEU A 409 -27.85 -8.90 26.20
N GLY A 410 -26.52 -8.77 26.14
CA GLY A 410 -25.78 -9.24 24.96
C GLY A 410 -25.89 -10.74 24.80
N ASN A 411 -25.93 -11.49 25.94
CA ASN A 411 -26.06 -12.95 25.89
C ASN A 411 -27.46 -13.35 25.41
N ILE A 412 -28.50 -12.63 25.83
CA ILE A 412 -29.81 -12.96 25.28
C ILE A 412 -29.83 -12.69 23.79
N ILE A 413 -29.23 -11.57 23.33
CA ILE A 413 -29.24 -11.28 21.89
C ILE A 413 -28.48 -12.32 21.12
N MET A 414 -27.25 -12.66 21.53
CA MET A 414 -26.43 -13.57 20.73
C MET A 414 -26.75 -15.03 20.89
N TYR A 415 -27.28 -15.40 22.05
CA TYR A 415 -27.62 -16.80 22.33
C TYR A 415 -29.14 -17.03 22.51
N ALA A 416 -29.96 -16.14 21.89
CA ALA A 416 -31.42 -16.26 21.96
C ALA A 416 -32.00 -17.66 21.69
N PRO A 417 -31.48 -18.50 20.77
CA PRO A 417 -32.12 -19.80 20.53
C PRO A 417 -31.82 -20.83 21.63
N THR A 418 -30.85 -20.54 22.54
CA THR A 418 -30.41 -21.53 23.53
C THR A 418 -31.44 -21.80 24.60
N LEU A 419 -31.41 -23.02 25.13
CA LEU A 419 -32.32 -23.39 26.22
C LEU A 419 -32.10 -22.50 27.44
N TRP A 420 -30.83 -22.22 27.77
CA TRP A 420 -30.48 -21.46 28.96
C TRP A 420 -30.80 -19.95 28.82
N ALA A 421 -30.59 -19.35 27.62
CA ALA A 421 -30.93 -17.92 27.51
C ALA A 421 -32.44 -17.73 27.57
N ARG A 422 -33.21 -18.66 26.99
CA ARG A 422 -34.67 -18.53 26.96
C ARG A 422 -35.29 -18.84 28.33
N MET A 423 -34.94 -20.00 28.92
CA MET A 423 -35.57 -20.38 30.19
C MET A 423 -35.09 -19.58 31.39
N ILE A 424 -33.79 -19.22 31.43
CA ILE A 424 -33.22 -18.57 32.61
C ILE A 424 -33.03 -17.10 32.38
N LEU A 425 -32.18 -16.69 31.42
CA LEU A 425 -31.93 -15.24 31.33
C LEU A 425 -33.17 -14.42 31.00
N MET A 426 -33.95 -14.84 30.00
CA MET A 426 -35.13 -14.02 29.67
C MET A 426 -36.08 -13.98 30.87
N THR A 427 -36.33 -15.15 31.46
CA THR A 427 -37.27 -15.21 32.60
C THR A 427 -36.84 -14.32 33.77
N HIS A 428 -35.58 -14.44 34.19
CA HIS A 428 -35.05 -13.70 35.31
C HIS A 428 -35.15 -12.19 35.08
N PHE A 429 -34.58 -11.71 33.95
CA PHE A 429 -34.55 -10.27 33.74
C PHE A 429 -35.89 -9.67 33.40
N PHE A 430 -36.74 -10.40 32.64
CA PHE A 430 -38.08 -9.85 32.38
C PHE A 430 -38.87 -9.75 33.67
N SER A 431 -38.70 -10.73 34.56
CA SER A 431 -39.42 -10.69 35.85
C SER A 431 -39.05 -9.45 36.66
N ILE A 432 -37.74 -9.19 36.78
CA ILE A 432 -37.23 -8.06 37.57
C ILE A 432 -37.56 -6.76 36.92
N LEU A 433 -37.34 -6.65 35.60
CA LEU A 433 -37.59 -5.36 34.93
C LEU A 433 -39.07 -5.03 34.91
N LEU A 434 -39.93 -6.04 34.77
CA LEU A 434 -41.36 -5.73 34.78
C LEU A 434 -41.77 -5.20 36.16
N ALA A 435 -41.28 -5.85 37.25
CA ALA A 435 -41.62 -5.41 38.61
C ALA A 435 -41.13 -3.97 38.87
N GLN A 436 -40.06 -3.55 38.18
CA GLN A 436 -39.42 -2.25 38.32
C GLN A 436 -39.87 -1.18 37.30
N GLU A 437 -40.81 -1.54 36.40
CA GLU A 437 -41.32 -0.68 35.33
C GLU A 437 -40.16 -0.20 34.46
N GLN A 438 -39.19 -1.12 34.20
CA GLN A 438 -37.99 -0.78 33.43
C GLN A 438 -37.84 -1.62 32.17
N LEU A 439 -38.92 -2.26 31.71
CA LEU A 439 -38.82 -3.09 30.50
C LEU A 439 -38.40 -2.21 29.32
N GLY A 440 -38.85 -0.94 29.30
CA GLY A 440 -38.54 -0.05 28.19
C GLY A 440 -37.34 0.84 28.38
N LYS A 441 -36.58 0.66 29.48
CA LYS A 441 -35.42 1.48 29.76
C LYS A 441 -34.19 0.94 28.99
N ALA A 442 -33.60 1.81 28.12
CA ALA A 442 -32.41 1.38 27.38
C ALA A 442 -31.23 1.05 28.26
N LEU A 443 -30.57 -0.06 27.93
CA LEU A 443 -29.38 -0.50 28.66
C LEU A 443 -28.23 -0.70 27.70
N ASP A 444 -27.01 -0.51 28.20
CA ASP A 444 -25.85 -0.72 27.35
C ASP A 444 -25.43 -2.17 27.35
N CYS A 445 -25.10 -2.67 26.16
CA CYS A 445 -24.58 -4.03 26.01
C CYS A 445 -23.52 -3.98 24.92
N GLN A 446 -22.83 -5.09 24.71
CA GLN A 446 -21.77 -5.12 23.70
C GLN A 446 -22.00 -6.22 22.71
N ILE A 447 -21.84 -5.89 21.42
CA ILE A 447 -21.94 -6.83 20.32
C ILE A 447 -20.68 -6.70 19.48
N TYR A 448 -19.88 -7.79 19.41
CA TYR A 448 -18.60 -7.80 18.65
C TYR A 448 -17.70 -6.62 19.12
N GLY A 449 -17.75 -6.34 20.43
CA GLY A 449 -16.92 -5.31 21.06
C GLY A 449 -17.41 -3.88 20.98
N ALA A 450 -18.45 -3.59 20.17
CA ALA A 450 -19.03 -2.24 20.09
C ALA A 450 -20.18 -2.13 21.08
N CYS A 451 -20.38 -0.95 21.63
N CYS A 451 -20.38 -0.95 21.64
CA CYS A 451 -21.43 -0.67 22.59
CA CYS A 451 -21.43 -0.66 22.62
C CYS A 451 -22.72 -0.25 21.90
C CYS A 451 -22.72 -0.23 21.94
N TYR A 452 -23.87 -0.79 22.39
CA TYR A 452 -25.20 -0.45 21.87
C TYR A 452 -26.12 -0.15 23.04
N SER A 453 -27.03 0.80 22.88
CA SER A 453 -28.03 1.11 23.91
C SER A 453 -29.32 0.47 23.42
N ILE A 454 -29.81 -0.56 24.12
CA ILE A 454 -30.97 -1.34 23.67
C ILE A 454 -32.05 -1.44 24.73
N GLU A 455 -33.32 -1.25 24.31
CA GLU A 455 -34.45 -1.41 25.21
C GLU A 455 -34.84 -2.91 25.21
N PRO A 456 -34.93 -3.55 26.39
CA PRO A 456 -35.31 -4.98 26.40
C PRO A 456 -36.62 -5.27 25.67
N LEU A 457 -37.58 -4.32 25.67
CA LEU A 457 -38.86 -4.55 24.93
C LEU A 457 -38.70 -4.73 23.41
N ASP A 458 -37.55 -4.36 22.85
CA ASP A 458 -37.27 -4.52 21.41
C ASP A 458 -36.63 -5.88 21.09
N LEU A 459 -36.40 -6.70 22.13
CA LEU A 459 -35.78 -8.00 21.90
C LEU A 459 -36.47 -8.90 20.86
N PRO A 460 -37.83 -9.01 20.82
CA PRO A 460 -38.45 -9.93 19.86
C PRO A 460 -38.02 -9.65 18.41
N GLN A 461 -38.10 -8.37 17.98
CA GLN A 461 -37.72 -8.06 16.59
C GLN A 461 -36.23 -8.21 16.35
N ILE A 462 -35.39 -7.91 17.37
CA ILE A 462 -33.95 -8.10 17.23
C ILE A 462 -33.69 -9.60 17.03
N ILE A 463 -34.29 -10.44 17.89
CA ILE A 463 -34.06 -11.87 17.80
C ILE A 463 -34.55 -12.42 16.45
N GLU A 464 -35.76 -11.99 16.02
CA GLU A 464 -36.29 -12.47 14.73
C GLU A 464 -35.29 -12.14 13.61
N ARG A 465 -34.74 -10.92 13.60
CA ARG A 465 -33.79 -10.55 12.56
C ARG A 465 -32.51 -11.32 12.59
N LEU A 466 -31.98 -11.52 13.79
CA LEU A 466 -30.73 -12.22 13.96
C LEU A 466 -30.85 -13.71 13.73
N HIS A 467 -31.82 -14.35 14.35
CA HIS A 467 -31.91 -15.79 14.41
C HIS A 467 -33.05 -16.43 13.64
N GLY A 468 -34.04 -15.66 13.25
CA GLY A 468 -35.24 -16.17 12.58
C GLY A 468 -36.31 -16.46 13.61
N LEU A 469 -37.57 -16.62 13.16
CA LEU A 469 -38.69 -16.94 14.05
C LEU A 469 -38.50 -18.28 14.73
N SER A 470 -37.65 -19.17 14.17
CA SER A 470 -37.44 -20.47 14.80
C SER A 470 -36.84 -20.33 16.20
N ALA A 471 -36.14 -19.20 16.51
CA ALA A 471 -35.57 -18.99 17.85
C ALA A 471 -36.68 -19.00 18.92
N PHE A 472 -37.96 -18.76 18.52
CA PHE A 472 -39.09 -18.75 19.47
C PHE A 472 -39.85 -20.06 19.53
N THR A 473 -39.41 -21.06 18.76
CA THR A 473 -40.14 -22.33 18.65
C THR A 473 -39.25 -23.54 18.94
N LEU A 474 -37.93 -23.34 19.15
CA LEU A 474 -37.08 -24.54 19.34
C LEU A 474 -37.48 -25.38 20.52
N HIS A 475 -37.32 -26.70 20.36
CA HIS A 475 -37.58 -27.66 21.42
C HIS A 475 -36.78 -28.92 21.03
N SER A 476 -36.86 -29.98 21.86
CA SER A 476 -36.14 -31.23 21.60
C SER A 476 -34.64 -30.91 21.40
N TYR A 477 -34.06 -30.22 22.40
CA TYR A 477 -32.66 -29.86 22.49
C TYR A 477 -31.86 -31.15 22.63
N SER A 478 -30.56 -31.12 22.28
CA SER A 478 -29.77 -32.35 22.35
C SER A 478 -29.56 -32.85 23.78
N PRO A 479 -29.57 -34.18 23.99
CA PRO A 479 -29.30 -34.68 25.35
C PRO A 479 -28.02 -34.08 25.97
N GLY A 480 -26.95 -33.95 25.17
CA GLY A 480 -25.68 -33.37 25.58
C GLY A 480 -25.81 -31.93 26.06
N GLU A 481 -26.62 -31.15 25.34
CA GLU A 481 -26.82 -29.75 25.71
C GLU A 481 -27.62 -29.66 27.00
N ILE A 482 -28.73 -30.43 27.11
CA ILE A 482 -29.55 -30.41 28.33
C ILE A 482 -28.71 -30.86 29.54
N ASN A 483 -27.85 -31.88 29.36
CA ASN A 483 -26.95 -32.35 30.44
C ASN A 483 -25.98 -31.24 30.90
N ARG A 484 -25.38 -30.49 29.95
CA ARG A 484 -24.47 -29.43 30.28
C ARG A 484 -25.18 -28.33 31.07
N VAL A 485 -26.41 -27.96 30.65
CA VAL A 485 -27.14 -26.94 31.38
C VAL A 485 -27.46 -27.43 32.79
N ALA A 486 -28.09 -28.61 32.89
CA ALA A 486 -28.47 -29.19 34.19
C ALA A 486 -27.30 -29.26 35.17
N SER A 487 -26.14 -29.74 34.72
CA SER A 487 -24.92 -29.83 35.53
C SER A 487 -24.48 -28.44 36.00
N CYS A 488 -24.51 -27.45 35.12
CA CYS A 488 -24.18 -26.07 35.47
C CYS A 488 -25.09 -25.55 36.61
N LEU A 489 -26.41 -25.80 36.49
CA LEU A 489 -27.34 -25.33 37.48
C LEU A 489 -27.05 -25.96 38.84
N ARG A 490 -26.73 -27.24 38.84
CA ARG A 490 -26.42 -27.90 40.12
C ARG A 490 -25.14 -27.31 40.73
N LYS A 491 -24.13 -27.12 39.91
CA LYS A 491 -22.84 -26.55 40.33
C LYS A 491 -22.99 -25.16 40.94
N LEU A 492 -23.73 -24.26 40.27
CA LEU A 492 -23.87 -22.88 40.73
C LEU A 492 -25.00 -22.65 41.76
N GLY A 493 -25.85 -23.66 41.96
CA GLY A 493 -26.99 -23.49 42.85
C GLY A 493 -28.10 -22.66 42.20
N VAL A 494 -28.28 -22.83 40.88
CA VAL A 494 -29.34 -22.14 40.14
C VAL A 494 -30.58 -23.04 40.27
N PRO A 495 -31.78 -22.47 40.53
CA PRO A 495 -32.99 -23.30 40.61
C PRO A 495 -33.20 -24.14 39.34
N PRO A 496 -33.81 -25.33 39.50
CA PRO A 496 -34.00 -26.21 38.34
C PRO A 496 -34.93 -25.64 37.26
N LEU A 497 -34.88 -26.21 36.07
CA LEU A 497 -35.68 -25.73 34.94
C LEU A 497 -37.19 -25.67 35.23
N ARG A 498 -37.73 -26.62 36.02
CA ARG A 498 -39.17 -26.54 36.37
C ARG A 498 -39.51 -25.20 37.07
N THR A 499 -38.59 -24.70 37.92
CA THR A 499 -38.81 -23.44 38.64
C THR A 499 -38.83 -22.31 37.63
N TRP A 500 -37.88 -22.33 36.68
CA TRP A 500 -37.83 -21.33 35.61
C TRP A 500 -39.09 -21.34 34.76
N ARG A 501 -39.64 -22.52 34.45
CA ARG A 501 -40.89 -22.59 33.68
C ARG A 501 -42.01 -21.91 34.49
N HIS A 502 -42.10 -22.19 35.80
CA HIS A 502 -43.14 -21.55 36.62
C HIS A 502 -42.99 -20.04 36.64
N ARG A 503 -41.76 -19.54 36.82
CA ARG A 503 -41.52 -18.09 36.83
C ARG A 503 -41.87 -17.50 35.45
N ALA A 504 -41.57 -18.23 34.37
CA ALA A 504 -41.83 -17.75 33.00
C ALA A 504 -43.31 -17.63 32.74
N ARG A 505 -44.08 -18.63 33.18
CA ARG A 505 -45.55 -18.57 32.99
C ARG A 505 -46.11 -17.34 33.73
N SER A 506 -45.55 -17.06 34.91
CA SER A 506 -46.00 -15.94 35.69
C SER A 506 -45.70 -14.58 35.00
N VAL A 507 -44.44 -14.36 34.57
CA VAL A 507 -44.09 -13.10 33.91
C VAL A 507 -44.79 -12.99 32.55
N ARG A 508 -44.94 -14.11 31.82
CA ARG A 508 -45.63 -14.13 30.51
C ARG A 508 -47.07 -13.57 30.69
N ALA A 509 -47.80 -14.02 31.73
CA ALA A 509 -49.18 -13.53 31.97
C ALA A 509 -49.18 -12.03 32.20
N LYS A 510 -48.24 -11.53 33.02
CA LYS A 510 -48.14 -10.10 33.31
C LYS A 510 -47.82 -9.29 32.04
N LEU A 511 -46.87 -9.80 31.22
CA LEU A 511 -46.50 -9.12 29.98
C LEU A 511 -47.69 -9.04 29.04
N LEU A 512 -48.43 -10.14 28.87
CA LEU A 512 -49.60 -10.15 27.98
C LEU A 512 -50.64 -9.15 28.46
N SER A 513 -50.81 -9.03 29.79
CA SER A 513 -51.81 -8.13 30.43
C SER A 513 -51.51 -6.65 30.14
N GLN A 514 -50.23 -6.31 29.91
CA GLN A 514 -49.85 -4.92 29.65
C GLN A 514 -50.14 -4.44 28.23
N GLY A 515 -50.31 -5.37 27.28
CA GLY A 515 -50.49 -5.03 25.89
C GLY A 515 -49.20 -4.45 25.31
N GLY A 516 -49.30 -3.81 24.15
CA GLY A 516 -48.16 -3.14 23.54
C GLY A 516 -46.94 -4.03 23.33
N ARG A 517 -45.76 -3.42 23.50
CA ARG A 517 -44.51 -4.17 23.28
C ARG A 517 -44.34 -5.27 24.32
N ALA A 518 -44.79 -5.05 25.58
CA ALA A 518 -44.73 -6.08 26.60
C ALA A 518 -45.49 -7.34 26.15
N ALA A 519 -46.72 -7.17 25.57
CA ALA A 519 -47.49 -8.33 25.11
C ALA A 519 -46.79 -9.05 23.96
N ILE A 520 -46.02 -8.31 23.13
CA ILE A 520 -45.26 -8.98 22.05
C ILE A 520 -44.15 -9.82 22.72
N CYS A 521 -43.52 -9.28 23.79
CA CYS A 521 -42.51 -10.08 24.51
C CYS A 521 -43.13 -11.32 25.10
N GLY A 522 -44.31 -11.18 25.71
CA GLY A 522 -44.97 -12.35 26.29
C GLY A 522 -45.28 -13.41 25.24
N ARG A 523 -45.78 -12.96 24.07
CA ARG A 523 -46.16 -13.88 22.99
C ARG A 523 -44.94 -14.61 22.40
N TYR A 524 -43.91 -13.86 22.04
CA TYR A 524 -42.77 -14.48 21.33
C TYR A 524 -41.72 -15.07 22.25
N LEU A 525 -41.26 -14.30 23.24
CA LEU A 525 -40.17 -14.76 24.11
C LEU A 525 -40.55 -15.92 24.99
N PHE A 526 -41.84 -16.00 25.37
CA PHE A 526 -42.29 -17.00 26.34
C PHE A 526 -43.32 -18.00 25.83
N ASN A 527 -43.46 -18.14 24.50
CA ASN A 527 -44.37 -19.16 23.95
C ASN A 527 -43.92 -20.57 24.36
N TRP A 528 -42.61 -20.75 24.65
CA TRP A 528 -42.12 -22.07 25.06
C TRP A 528 -42.72 -22.55 26.39
N ALA A 529 -43.16 -21.61 27.22
CA ALA A 529 -43.62 -21.89 28.57
C ALA A 529 -45.06 -22.38 28.63
N VAL A 530 -45.81 -22.34 27.52
CA VAL A 530 -47.23 -22.75 27.56
C VAL A 530 -47.53 -23.83 26.51
N ARG A 531 -48.59 -24.61 26.74
CA ARG A 531 -49.04 -25.60 25.78
C ARG A 531 -49.91 -24.94 24.71
N THR A 532 -50.71 -23.97 25.12
CA THR A 532 -51.65 -23.27 24.24
C THR A 532 -50.88 -22.17 23.53
N LYS A 533 -50.14 -22.58 22.48
CA LYS A 533 -49.27 -21.65 21.74
C LYS A 533 -50.02 -20.52 21.08
N LEU A 534 -49.45 -19.31 21.16
CA LEU A 534 -49.97 -18.17 20.42
C LEU A 534 -49.36 -18.21 19.03
N LYS A 535 -50.08 -17.65 18.03
CA LYS A 535 -49.59 -17.65 16.64
C LYS A 535 -48.39 -16.70 16.52
N LEU A 536 -47.28 -17.20 15.92
CA LEU A 536 -46.08 -16.37 15.74
C LEU A 536 -45.89 -16.02 14.30
N THR A 537 -46.10 -14.77 14.00
CA THR A 537 -45.97 -14.23 12.64
C THR A 537 -44.79 -13.28 12.56
N PRO A 538 -44.26 -12.96 11.36
CA PRO A 538 -43.17 -11.95 11.29
C PRO A 538 -43.59 -10.65 11.96
N ILE A 539 -42.72 -10.11 12.82
CA ILE A 539 -42.98 -8.87 13.56
C ILE A 539 -42.75 -7.68 12.63
N PRO A 540 -43.75 -6.78 12.46
CA PRO A 540 -43.55 -5.64 11.55
C PRO A 540 -42.25 -4.87 11.79
N ALA A 541 -41.89 -4.63 13.09
CA ALA A 541 -40.66 -3.92 13.47
C ALA A 541 -39.35 -4.59 12.99
N ALA A 542 -39.36 -5.92 12.80
CA ALA A 542 -38.15 -6.66 12.40
C ALA A 542 -37.56 -6.20 11.07
N SER A 543 -38.37 -6.10 10.00
CA SER A 543 -37.88 -5.67 8.68
C SER A 543 -37.42 -4.21 8.60
N GLN A 544 -37.85 -3.36 9.54
CA GLN A 544 -37.46 -1.93 9.56
C GLN A 544 -36.24 -1.66 10.41
N LEU A 545 -35.78 -2.66 11.20
CA LEU A 545 -34.61 -2.49 12.08
C LEU A 545 -33.37 -2.15 11.29
N ASP A 546 -32.66 -1.08 11.70
CA ASP A 546 -31.41 -0.69 11.06
C ASP A 546 -30.30 -1.40 11.81
N LEU A 547 -29.92 -2.57 11.31
CA LEU A 547 -28.85 -3.37 11.92
C LEU A 547 -27.54 -3.16 11.17
N SER A 548 -27.44 -2.02 10.44
CA SER A 548 -26.22 -1.68 9.72
C SER A 548 -25.16 -1.40 10.79
N GLY A 549 -24.01 -2.01 10.62
CA GLY A 549 -22.94 -1.85 11.58
C GLY A 549 -22.95 -2.89 12.68
N TRP A 550 -24.00 -3.77 12.79
CA TRP A 550 -23.95 -4.77 13.89
C TRP A 550 -22.93 -5.89 13.62
N PHE A 551 -22.95 -6.41 12.40
CA PHE A 551 -22.08 -7.53 12.04
C PHE A 551 -21.24 -7.14 10.84
N VAL A 552 -20.37 -6.14 11.05
CA VAL A 552 -19.49 -5.67 10.00
C VAL A 552 -18.03 -5.97 10.43
N ALA A 553 -17.68 -5.58 11.66
CA ALA A 553 -16.31 -5.74 12.13
C ALA A 553 -16.28 -5.88 13.64
N GLY A 554 -15.13 -6.29 14.16
CA GLY A 554 -14.91 -6.42 15.59
C GLY A 554 -14.23 -5.17 16.13
N TYR A 555 -14.60 -4.79 17.36
CA TYR A 555 -14.07 -3.59 17.99
C TYR A 555 -13.68 -3.75 19.43
N SER A 556 -13.46 -5.00 19.91
N SER A 556 -13.47 -5.00 19.91
CA SER A 556 -13.10 -5.19 21.33
CA SER A 556 -13.12 -5.17 21.33
C SER A 556 -11.88 -4.37 21.71
C SER A 556 -11.89 -4.33 21.69
N GLY A 557 -12.02 -3.56 22.76
CA GLY A 557 -11.00 -2.66 23.30
C GLY A 557 -10.85 -1.37 22.51
N GLY A 558 -11.65 -1.19 21.47
CA GLY A 558 -11.56 -0.08 20.52
C GLY A 558 -12.37 1.16 20.87
N ASP A 559 -13.04 1.15 22.04
CA ASP A 559 -13.76 2.32 22.54
C ASP A 559 -14.82 2.82 21.52
N ILE A 560 -15.64 1.87 21.00
CA ILE A 560 -16.65 2.15 19.96
C ILE A 560 -18.08 2.10 20.48
N TYR A 561 -18.87 3.13 20.12
CA TYR A 561 -20.27 3.22 20.46
C TYR A 561 -21.02 3.30 19.12
N HIS A 562 -21.98 2.40 18.92
CA HIS A 562 -22.67 2.31 17.64
C HIS A 562 -24.11 2.74 17.67
N SER A 563 -24.59 3.23 18.82
CA SER A 563 -25.97 3.73 18.83
C SER A 563 -26.01 5.17 18.32
N LEU A 564 -27.20 5.62 17.92
CA LEU A 564 -27.36 6.95 17.35
C LEU A 564 -27.09 8.12 18.28
N SER A 565 -26.44 9.16 17.72
CA SER A 565 -26.13 10.38 18.44
C SER A 565 -27.34 11.31 18.33
N ARG A 566 -27.69 11.97 19.44
CA ARG A 566 -28.79 12.93 19.45
C ARG A 566 -28.36 14.18 18.69
N ALA A 567 -29.29 14.81 17.92
CA ALA A 567 -28.97 16.06 17.23
C ALA A 567 -28.74 17.16 18.29
N ARG A 568 -28.04 18.26 17.95
CA ARG A 568 -27.87 19.31 18.97
C ARG A 568 -28.82 20.47 18.80
N SER B 1 -5.20 23.66 -9.36
CA SER B 1 -4.31 24.73 -8.92
C SER B 1 -3.37 25.14 -10.03
N MET B 2 -2.73 26.30 -9.83
CA MET B 2 -1.78 26.79 -10.82
C MET B 2 -0.50 25.96 -10.72
N SER B 3 -0.01 25.48 -11.85
CA SER B 3 1.24 24.67 -11.90
C SER B 3 2.41 25.46 -11.29
N TYR B 4 2.45 26.79 -11.52
CA TYR B 4 3.46 27.67 -10.93
C TYR B 4 2.84 28.99 -10.59
N THR B 5 3.40 29.62 -9.55
CA THR B 5 3.12 31.03 -9.18
C THR B 5 4.49 31.70 -9.26
N TRP B 6 4.57 32.90 -9.84
CA TRP B 6 5.86 33.58 -10.00
C TRP B 6 5.88 34.92 -9.26
N THR B 7 7.03 35.29 -8.68
CA THR B 7 7.19 36.55 -7.96
C THR B 7 7.61 37.74 -8.83
N GLY B 8 8.29 37.46 -9.93
CA GLY B 8 8.85 38.52 -10.76
C GLY B 8 10.37 38.44 -10.76
N ALA B 9 10.97 37.75 -9.75
CA ALA B 9 12.42 37.53 -9.75
C ALA B 9 12.76 36.65 -10.96
N LEU B 10 13.87 36.92 -11.59
CA LEU B 10 14.22 36.25 -12.83
C LEU B 10 14.87 34.90 -12.63
N ILE B 11 14.80 34.04 -13.67
N ILE B 11 14.78 34.02 -13.65
CA ILE B 11 15.52 32.77 -13.70
CA ILE B 11 15.49 32.75 -13.64
C ILE B 11 16.89 33.21 -14.19
C ILE B 11 16.87 33.16 -14.19
N THR B 12 17.87 33.16 -13.30
CA THR B 12 19.22 33.64 -13.57
C THR B 12 20.26 32.59 -13.86
N PRO B 13 21.27 32.95 -14.69
CA PRO B 13 22.35 31.98 -14.97
C PRO B 13 23.37 31.99 -13.83
N CYS B 14 24.15 30.91 -13.69
CA CYS B 14 25.15 30.82 -12.62
C CYS B 14 26.56 31.12 -13.14
N ALA B 15 26.70 31.28 -14.47
CA ALA B 15 27.94 31.59 -15.21
C ALA B 15 27.57 32.06 -16.62
N ALA B 16 28.58 32.47 -17.43
CA ALA B 16 28.36 32.91 -18.80
C ALA B 16 27.64 31.81 -19.59
N GLU B 17 26.67 32.21 -20.43
CA GLU B 17 25.90 31.26 -21.23
C GLU B 17 26.22 31.47 -22.69
N GLU B 18 26.60 30.38 -23.35
CA GLU B 18 26.88 30.39 -24.78
C GLU B 18 25.60 30.01 -25.53
N SER B 19 25.27 30.75 -26.60
CA SER B 19 24.07 30.53 -27.42
C SER B 19 24.40 30.21 -28.87
N LYS B 20 25.63 30.49 -29.29
CA LYS B 20 26.04 30.27 -30.68
C LYS B 20 27.34 29.51 -30.78
N LEU B 21 27.58 28.94 -31.95
CA LEU B 21 28.79 28.22 -32.29
C LEU B 21 29.98 29.21 -32.34
N PRO B 22 31.16 28.84 -31.82
CA PRO B 22 32.32 29.73 -31.99
C PRO B 22 32.86 29.53 -33.41
N ILE B 23 33.34 30.62 -34.04
CA ILE B 23 33.89 30.58 -35.41
C ILE B 23 35.13 29.66 -35.45
N ASN B 24 34.95 28.42 -35.97
CA ASN B 24 36.00 27.40 -35.97
C ASN B 24 36.09 26.53 -37.24
N PRO B 25 37.31 26.00 -37.55
CA PRO B 25 37.46 25.12 -38.72
C PRO B 25 37.03 23.66 -38.51
N LEU B 26 37.28 23.08 -37.30
CA LEU B 26 36.96 21.67 -36.99
C LEU B 26 35.47 21.31 -37.06
N SER B 27 34.61 22.07 -36.36
CA SER B 27 33.15 21.86 -36.39
C SER B 27 32.57 22.27 -37.76
N ASN B 28 33.38 23.02 -38.56
CA ASN B 28 33.03 23.45 -39.91
C ASN B 28 33.19 22.30 -40.88
N SER B 29 34.08 21.34 -40.57
CA SER B 29 34.28 20.11 -41.36
C SER B 29 33.07 19.18 -41.22
N LEU B 30 32.24 19.44 -40.19
CA LEU B 30 31.02 18.70 -39.94
C LEU B 30 29.80 19.38 -40.52
N LEU B 31 29.60 20.66 -40.18
CA LEU B 31 28.42 21.45 -40.53
C LEU B 31 28.86 22.86 -40.92
N ARG B 32 28.40 23.34 -42.09
CA ARG B 32 28.79 24.66 -42.61
C ARG B 32 27.82 25.76 -42.25
N HIS B 33 26.52 25.42 -42.10
CA HIS B 33 25.52 26.41 -41.75
C HIS B 33 25.47 26.57 -40.24
N HIS B 34 26.53 27.16 -39.67
CA HIS B 34 26.70 27.42 -38.24
C HIS B 34 25.59 28.28 -37.63
N ASN B 35 25.02 29.23 -38.40
CA ASN B 35 23.94 30.13 -37.96
C ASN B 35 22.62 29.40 -37.65
N MET B 36 22.49 28.16 -38.12
CA MET B 36 21.31 27.33 -37.88
C MET B 36 21.36 26.66 -36.50
N VAL B 37 22.55 26.62 -35.87
CA VAL B 37 22.75 25.95 -34.59
C VAL B 37 22.65 26.97 -33.45
N TYR B 38 21.86 26.66 -32.43
CA TYR B 38 21.73 27.54 -31.27
C TYR B 38 21.64 26.70 -30.00
N ALA B 39 21.93 27.35 -28.86
CA ALA B 39 21.77 26.74 -27.53
C ALA B 39 20.78 27.60 -26.78
N THR B 40 19.87 26.96 -26.03
CA THR B 40 18.91 27.70 -25.22
C THR B 40 19.67 28.31 -24.03
N THR B 41 19.23 29.47 -23.58
CA THR B 41 19.82 30.19 -22.45
C THR B 41 18.67 30.71 -21.57
N SER B 42 19.02 31.29 -20.40
CA SER B 42 18.08 31.89 -19.48
C SER B 42 17.31 33.06 -20.11
N ARG B 43 17.82 33.60 -21.23
CA ARG B 43 17.16 34.74 -21.88
C ARG B 43 15.77 34.43 -22.38
N SER B 44 15.49 33.13 -22.63
CA SER B 44 14.15 32.71 -23.08
C SER B 44 13.31 32.11 -21.94
N ALA B 45 13.80 32.19 -20.67
CA ALA B 45 13.03 31.60 -19.56
C ALA B 45 11.59 32.09 -19.46
N SER B 46 11.34 33.40 -19.67
N SER B 46 11.34 33.41 -19.65
CA SER B 46 10.01 33.98 -19.61
CA SER B 46 9.99 33.97 -19.58
C SER B 46 9.04 33.32 -20.59
C SER B 46 9.03 33.32 -20.59
N LEU B 47 9.51 32.99 -21.80
CA LEU B 47 8.70 32.32 -22.84
C LEU B 47 8.35 30.90 -22.33
N ARG B 48 9.32 30.23 -21.68
CA ARG B 48 9.02 28.89 -21.10
C ARG B 48 8.00 28.99 -19.97
N GLN B 49 8.16 29.96 -19.07
CA GLN B 49 7.25 30.18 -17.96
C GLN B 49 5.82 30.31 -18.48
N LYS B 50 5.63 31.04 -19.59
CA LYS B 50 4.29 31.19 -20.15
C LYS B 50 3.70 29.89 -20.65
N LYS B 51 4.54 29.01 -21.22
CA LYS B 51 4.10 27.71 -21.72
C LYS B 51 3.71 26.77 -20.59
N VAL B 52 4.47 26.78 -19.48
CA VAL B 52 4.30 25.84 -18.36
C VAL B 52 3.37 26.25 -17.22
N THR B 53 2.89 27.50 -17.24
CA THR B 53 2.05 28.05 -16.17
C THR B 53 0.60 28.03 -16.58
N PHE B 54 -0.21 27.19 -15.93
CA PHE B 54 -1.64 27.10 -16.21
C PHE B 54 -2.38 26.43 -15.06
N ASP B 55 -3.72 26.57 -15.06
CA ASP B 55 -4.56 26.00 -14.02
C ASP B 55 -4.92 24.59 -14.47
N ARG B 56 -4.66 23.60 -13.62
CA ARG B 56 -5.01 22.24 -14.00
C ARG B 56 -6.42 21.98 -13.57
N LEU B 57 -7.15 21.33 -14.42
CA LEU B 57 -8.50 20.89 -14.12
C LEU B 57 -8.38 19.37 -14.34
N GLN B 58 -8.59 18.63 -13.27
CA GLN B 58 -8.50 17.19 -13.34
C GLN B 58 -9.77 16.62 -12.74
N VAL B 59 -10.37 15.64 -13.43
CA VAL B 59 -11.55 14.95 -12.99
C VAL B 59 -11.24 13.47 -13.12
N LEU B 60 -11.37 12.74 -12.01
CA LEU B 60 -11.08 11.30 -11.99
C LEU B 60 -12.37 10.51 -12.04
N ASP B 61 -12.34 9.36 -12.71
CA ASP B 61 -13.55 8.57 -12.86
C ASP B 61 -13.34 7.11 -12.48
N ASP B 62 -14.36 6.29 -12.72
CA ASP B 62 -14.25 4.88 -12.35
C ASP B 62 -13.17 4.12 -13.09
N HIS B 63 -12.95 4.39 -14.41
CA HIS B 63 -11.90 3.68 -15.13
C HIS B 63 -10.53 4.00 -14.51
N TYR B 64 -10.29 5.28 -14.13
CA TYR B 64 -9.03 5.67 -13.49
C TYR B 64 -8.86 4.89 -12.16
N ARG B 65 -9.90 4.92 -11.32
CA ARG B 65 -9.83 4.22 -10.04
C ARG B 65 -9.60 2.71 -10.19
N ASP B 66 -10.25 2.09 -11.20
CA ASP B 66 -10.07 0.65 -11.47
C ASP B 66 -8.62 0.33 -11.82
N VAL B 67 -8.05 1.08 -12.77
CA VAL B 67 -6.68 0.86 -13.19
C VAL B 67 -5.74 1.06 -12.02
N LEU B 68 -5.95 2.13 -11.23
CA LEU B 68 -5.11 2.38 -10.07
C LEU B 68 -5.07 1.18 -9.11
N LYS B 69 -6.23 0.60 -8.81
CA LYS B 69 -6.27 -0.55 -7.90
C LYS B 69 -5.54 -1.73 -8.56
N GLU B 70 -5.67 -1.93 -9.89
CA GLU B 70 -4.95 -3.00 -10.56
C GLU B 70 -3.40 -2.82 -10.41
N MET B 71 -2.93 -1.57 -10.53
CA MET B 71 -1.51 -1.23 -10.43
C MET B 71 -1.04 -1.41 -8.98
N LYS B 72 -1.86 -0.99 -7.99
CA LYS B 72 -1.50 -1.16 -6.58
C LYS B 72 -1.40 -2.65 -6.19
N ALA B 73 -2.26 -3.51 -6.77
CA ALA B 73 -2.20 -4.95 -6.44
C ALA B 73 -0.87 -5.54 -6.89
N LYS B 74 -0.34 -5.07 -8.03
CA LYS B 74 0.96 -5.52 -8.52
C LYS B 74 2.10 -4.90 -7.71
N ALA B 75 1.99 -3.62 -7.32
CA ALA B 75 3.03 -2.99 -6.47
C ALA B 75 3.17 -3.68 -5.12
N SER B 76 2.05 -4.25 -4.60
N SER B 76 2.04 -4.26 -4.62
CA SER B 76 2.04 -4.89 -3.28
CA SER B 76 1.94 -4.94 -3.33
C SER B 76 2.91 -6.15 -3.23
C SER B 76 2.86 -6.17 -3.25
N THR B 77 3.41 -6.64 -4.40
CA THR B 77 4.31 -7.80 -4.43
C THR B 77 5.77 -7.38 -4.16
N VAL B 78 6.06 -6.05 -4.18
CA VAL B 78 7.44 -5.56 -4.08
C VAL B 78 7.93 -5.42 -2.66
N LYS B 79 9.21 -5.78 -2.44
CA LYS B 79 9.86 -5.57 -1.15
C LYS B 79 11.09 -4.73 -1.51
N ALA B 80 11.10 -3.47 -1.05
CA ALA B 80 12.18 -2.56 -1.41
C ALA B 80 13.15 -2.35 -0.26
N LYS B 81 14.45 -2.21 -0.59
CA LYS B 81 15.40 -2.05 0.47
C LYS B 81 15.79 -0.59 0.62
N LEU B 82 16.22 -0.28 1.81
CA LEU B 82 16.75 1.03 2.14
C LEU B 82 18.25 0.94 1.74
N LEU B 83 18.75 1.90 0.95
CA LEU B 83 20.17 1.92 0.59
C LEU B 83 20.97 2.51 1.77
N SER B 84 22.21 2.03 1.98
CA SER B 84 23.05 2.63 3.01
C SER B 84 23.53 3.98 2.46
N ILE B 85 24.10 4.80 3.34
CA ILE B 85 24.69 6.07 2.93
C ILE B 85 25.80 5.75 1.90
N GLU B 86 26.66 4.73 2.14
CA GLU B 86 27.72 4.42 1.16
C GLU B 86 27.21 4.04 -0.22
N GLU B 87 26.17 3.20 -0.30
CA GLU B 87 25.58 2.80 -1.59
C GLU B 87 25.02 4.03 -2.34
N ALA B 88 24.33 4.93 -1.59
CA ALA B 88 23.72 6.11 -2.21
C ALA B 88 24.79 7.09 -2.71
N CYS B 89 25.88 7.25 -1.91
CA CYS B 89 27.00 8.08 -2.31
C CYS B 89 27.65 7.59 -3.61
N LYS B 90 27.80 6.27 -3.75
CA LYS B 90 28.41 5.67 -4.94
C LYS B 90 27.56 5.88 -6.21
N LEU B 91 26.24 6.13 -6.07
CA LEU B 91 25.37 6.39 -7.22
C LEU B 91 25.41 7.86 -7.66
N THR B 92 26.16 8.71 -6.93
CA THR B 92 26.22 10.13 -7.22
C THR B 92 27.21 10.38 -8.34
N PRO B 93 26.81 11.06 -9.41
CA PRO B 93 27.79 11.41 -10.47
C PRO B 93 28.93 12.29 -9.93
N PRO B 94 30.18 12.02 -10.36
CA PRO B 94 31.32 12.87 -9.92
C PRO B 94 31.16 14.37 -10.16
N HIS B 95 30.38 14.77 -11.18
CA HIS B 95 30.16 16.17 -11.51
C HIS B 95 28.78 16.72 -11.12
N SER B 96 28.09 16.01 -10.23
CA SER B 96 26.78 16.45 -9.72
C SER B 96 26.94 17.80 -9.02
N ALA B 97 25.89 18.66 -9.10
CA ALA B 97 25.95 20.01 -8.52
C ALA B 97 26.30 19.98 -7.03
N LYS B 98 27.34 20.74 -6.64
CA LYS B 98 27.75 20.77 -5.24
C LYS B 98 26.63 21.23 -4.32
N SER B 99 26.79 20.93 -3.03
CA SER B 99 25.81 21.34 -2.05
C SER B 99 26.05 22.77 -1.65
N LYS B 100 25.00 23.45 -1.18
CA LYS B 100 25.18 24.78 -0.62
C LYS B 100 25.87 24.68 0.75
N PHE B 101 25.97 23.44 1.31
CA PHE B 101 26.53 23.23 2.65
C PHE B 101 28.03 22.97 2.72
N GLY B 102 28.76 23.39 1.67
CA GLY B 102 30.22 23.36 1.69
C GLY B 102 30.93 22.06 1.38
N TYR B 103 30.32 21.24 0.53
CA TYR B 103 30.94 20.03 0.05
C TYR B 103 30.36 19.79 -1.36
N GLY B 104 31.08 19.00 -2.13
CA GLY B 104 30.67 18.69 -3.50
C GLY B 104 30.49 17.20 -3.75
N ALA B 105 30.21 16.86 -5.00
CA ALA B 105 29.98 15.48 -5.38
C ALA B 105 31.17 14.56 -5.14
N LYS B 106 32.42 15.07 -5.33
CA LYS B 106 33.61 14.24 -5.07
C LYS B 106 33.69 13.94 -3.57
N ASP B 107 33.25 14.89 -2.72
CA ASP B 107 33.21 14.69 -1.26
C ASP B 107 32.17 13.63 -0.87
N VAL B 108 31.00 13.65 -1.54
CA VAL B 108 29.99 12.62 -1.31
C VAL B 108 30.59 11.25 -1.68
N ARG B 109 31.16 11.13 -2.88
CA ARG B 109 31.73 9.85 -3.35
C ARG B 109 32.87 9.32 -2.45
N ASN B 110 33.59 10.23 -1.80
CA ASN B 110 34.67 9.90 -0.86
C ASN B 110 34.19 9.75 0.58
N LEU B 111 32.86 9.91 0.82
CA LEU B 111 32.27 9.81 2.16
C LEU B 111 32.96 10.78 3.14
N SER B 112 33.23 12.03 2.70
CA SER B 112 33.89 13.02 3.56
C SER B 112 33.05 13.27 4.80
N SER B 113 33.70 13.62 5.92
CA SER B 113 32.93 13.84 7.13
C SER B 113 31.85 14.93 6.99
N ARG B 114 32.15 16.05 6.29
CA ARG B 114 31.17 17.14 6.12
C ARG B 114 29.98 16.65 5.25
N ALA B 115 30.27 15.93 4.16
CA ALA B 115 29.20 15.42 3.29
C ALA B 115 28.28 14.44 4.09
N VAL B 116 28.89 13.48 4.79
CA VAL B 116 28.11 12.50 5.58
C VAL B 116 27.33 13.23 6.71
N ASN B 117 27.93 14.24 7.38
CA ASN B 117 27.17 14.96 8.41
C ASN B 117 25.95 15.61 7.79
N HIS B 118 26.08 16.18 6.56
CA HIS B 118 24.91 16.80 5.97
C HIS B 118 23.86 15.75 5.58
N ILE B 119 24.29 14.67 4.93
CA ILE B 119 23.36 13.60 4.49
C ILE B 119 22.60 13.03 5.69
N ARG B 120 23.34 12.70 6.80
CA ARG B 120 22.70 12.23 8.04
C ARG B 120 21.68 13.27 8.56
N SER B 121 22.07 14.56 8.60
CA SER B 121 21.18 15.60 9.11
C SER B 121 19.91 15.74 8.27
N VAL B 122 20.06 15.66 6.94
CA VAL B 122 18.89 15.72 6.05
C VAL B 122 17.94 14.53 6.33
N TRP B 123 18.51 13.35 6.49
CA TRP B 123 17.69 12.14 6.76
C TRP B 123 16.94 12.27 8.08
N GLU B 124 17.64 12.69 9.16
CA GLU B 124 16.97 12.87 10.43
C GLU B 124 15.86 13.93 10.33
N ASP B 125 16.11 15.00 9.51
CA ASP B 125 15.12 16.04 9.34
C ASP B 125 13.88 15.52 8.58
N LEU B 126 14.07 14.54 7.68
CA LEU B 126 12.91 13.96 6.97
C LEU B 126 12.01 13.20 7.95
N LEU B 127 12.59 12.72 9.04
CA LEU B 127 11.78 12.01 10.07
C LEU B 127 11.19 12.97 11.10
N GLU B 128 11.89 14.06 11.38
CA GLU B 128 11.46 15.06 12.37
C GLU B 128 10.49 16.09 11.86
N ASP B 129 10.49 16.31 10.54
CA ASP B 129 9.65 17.32 9.97
C ASP B 129 8.91 16.73 8.77
N THR B 130 7.60 16.64 8.89
CA THR B 130 6.75 16.04 7.87
C THR B 130 6.12 17.05 6.92
N GLU B 131 6.40 18.36 7.09
CA GLU B 131 5.68 19.35 6.32
C GLU B 131 6.41 20.51 5.68
N THR B 132 7.52 21.00 6.28
CA THR B 132 8.14 22.21 5.73
C THR B 132 8.61 22.00 4.28
N PRO B 133 8.17 22.82 3.31
CA PRO B 133 8.64 22.61 1.94
C PRO B 133 10.16 22.72 1.89
N ILE B 134 10.75 21.83 1.09
CA ILE B 134 12.19 21.75 0.89
C ILE B 134 12.56 22.71 -0.25
N ASP B 135 13.64 23.45 -0.05
CA ASP B 135 14.05 24.41 -1.06
C ASP B 135 14.48 23.72 -2.35
N THR B 136 14.24 24.39 -3.48
CA THR B 136 14.75 23.88 -4.76
C THR B 136 15.37 25.06 -5.51
N THR B 137 16.27 24.75 -6.40
CA THR B 137 16.90 25.73 -7.31
C THR B 137 16.20 25.54 -8.67
N ILE B 138 15.86 26.66 -9.31
CA ILE B 138 15.32 26.64 -10.67
C ILE B 138 16.41 27.24 -11.56
N MET B 139 16.69 26.58 -12.68
CA MET B 139 17.65 27.04 -13.68
C MET B 139 17.10 26.82 -15.07
N ALA B 140 17.60 27.60 -16.02
CA ALA B 140 17.24 27.37 -17.42
C ALA B 140 18.26 26.38 -17.97
N LYS B 141 17.76 25.34 -18.62
CA LYS B 141 18.57 24.28 -19.19
C LYS B 141 19.22 24.77 -20.49
N SER B 142 20.46 24.35 -20.71
CA SER B 142 21.20 24.68 -21.92
C SER B 142 21.12 23.47 -22.84
N GLU B 143 20.37 23.57 -23.95
CA GLU B 143 20.27 22.46 -24.90
C GLU B 143 20.45 23.04 -26.28
N VAL B 144 21.10 22.28 -27.16
CA VAL B 144 21.38 22.68 -28.54
C VAL B 144 20.36 22.15 -29.52
N PHE B 145 19.89 23.01 -30.44
CA PHE B 145 18.95 22.61 -31.48
C PHE B 145 19.31 23.31 -32.79
N CYS B 146 18.61 22.91 -33.87
CA CYS B 146 18.70 23.55 -35.18
C CYS B 146 17.46 24.43 -35.27
N VAL B 147 17.63 25.65 -35.82
CA VAL B 147 16.53 26.60 -35.99
C VAL B 147 15.40 25.99 -36.84
N GLN B 148 14.13 26.38 -36.56
CA GLN B 148 12.88 25.94 -37.22
C GLN B 148 13.07 25.04 -38.47
N ARG B 154 12.56 29.60 -32.47
CA ARG B 154 13.46 29.00 -31.46
C ARG B 154 12.68 28.33 -30.35
N LYS B 155 13.25 27.27 -29.78
CA LYS B 155 12.62 26.61 -28.63
C LYS B 155 13.08 27.37 -27.37
N PRO B 156 12.19 27.76 -26.46
CA PRO B 156 12.65 28.44 -25.23
C PRO B 156 13.33 27.39 -24.34
N ALA B 157 14.25 27.82 -23.45
CA ALA B 157 14.94 26.88 -22.55
C ALA B 157 13.94 26.14 -21.68
N ARG B 158 14.22 24.87 -21.37
CA ARG B 158 13.43 24.11 -20.39
C ARG B 158 13.87 24.58 -19.00
N LEU B 159 13.01 24.43 -18.02
CA LEU B 159 13.31 24.87 -16.66
C LEU B 159 13.55 23.64 -15.77
N ILE B 160 14.76 23.52 -15.20
CA ILE B 160 15.17 22.42 -14.34
C ILE B 160 14.94 22.85 -12.91
N VAL B 161 14.42 21.92 -12.06
CA VAL B 161 14.14 22.19 -10.65
C VAL B 161 14.70 21.04 -9.87
N PHE B 162 15.56 21.34 -8.89
CA PHE B 162 16.23 20.28 -8.13
C PHE B 162 16.56 20.75 -6.73
N PRO B 163 16.58 19.78 -5.79
CA PRO B 163 16.92 20.09 -4.41
C PRO B 163 18.43 19.96 -4.19
N ASP B 164 18.89 20.30 -2.97
CA ASP B 164 20.32 20.22 -2.63
C ASP B 164 20.88 18.81 -2.74
N LEU B 165 22.18 18.71 -3.05
CA LEU B 165 22.91 17.44 -3.10
C LEU B 165 22.62 16.55 -1.87
N GLY B 166 22.55 17.13 -0.66
CA GLY B 166 22.27 16.32 0.54
C GLY B 166 20.91 15.63 0.46
N VAL B 167 19.91 16.35 -0.07
CA VAL B 167 18.56 15.80 -0.27
C VAL B 167 18.60 14.68 -1.36
N ARG B 168 19.32 14.93 -2.46
CA ARG B 168 19.42 13.94 -3.55
C ARG B 168 19.97 12.60 -3.03
N VAL B 169 20.99 12.65 -2.16
CA VAL B 169 21.53 11.40 -1.61
C VAL B 169 20.44 10.70 -0.76
N CYS B 170 19.71 11.45 0.04
CA CYS B 170 18.62 10.88 0.86
C CYS B 170 17.52 10.28 -0.01
N GLU B 171 17.21 10.91 -1.16
CA GLU B 171 16.19 10.34 -2.07
C GLU B 171 16.66 8.95 -2.50
N LYS B 172 17.97 8.78 -2.80
CA LYS B 172 18.48 7.48 -3.20
C LYS B 172 18.31 6.47 -2.10
N MET B 173 18.67 6.85 -0.86
CA MET B 173 18.53 5.90 0.25
C MET B 173 17.10 5.37 0.41
N ALA B 174 16.10 6.27 0.29
CA ALA B 174 14.69 5.90 0.51
C ALA B 174 14.06 5.20 -0.69
N LEU B 175 14.44 5.68 -1.89
CA LEU B 175 13.70 5.37 -3.10
C LEU B 175 14.44 4.76 -4.28
N TYR B 176 15.77 4.64 -4.24
CA TYR B 176 16.41 4.09 -5.45
C TYR B 176 15.93 2.66 -5.75
N ASP B 177 15.83 1.80 -4.75
CA ASP B 177 15.35 0.42 -5.03
C ASP B 177 13.90 0.44 -5.53
N VAL B 178 13.04 1.29 -4.91
CA VAL B 178 11.65 1.41 -5.37
C VAL B 178 11.62 1.82 -6.86
N VAL B 179 12.28 2.93 -7.20
CA VAL B 179 12.18 3.39 -8.58
C VAL B 179 12.87 2.50 -9.61
N SER B 180 13.74 1.59 -9.13
CA SER B 180 14.46 0.67 -10.02
C SER B 180 13.71 -0.64 -10.21
N THR B 181 12.80 -1.01 -9.28
CA THR B 181 12.17 -2.32 -9.34
C THR B 181 10.64 -2.28 -9.49
N LEU B 182 9.99 -1.28 -8.86
CA LEU B 182 8.54 -1.18 -8.90
C LEU B 182 7.95 -0.96 -10.30
N PRO B 183 8.53 -0.12 -11.21
CA PRO B 183 7.86 0.07 -12.50
C PRO B 183 7.66 -1.22 -13.29
N GLN B 184 8.67 -2.07 -13.33
CA GLN B 184 8.52 -3.34 -14.06
C GLN B 184 7.50 -4.24 -13.38
N ALA B 185 7.45 -4.22 -12.05
CA ALA B 185 6.49 -5.05 -11.33
C ALA B 185 5.06 -4.64 -11.62
N VAL B 186 4.84 -3.33 -11.79
CA VAL B 186 3.50 -2.79 -11.98
C VAL B 186 3.07 -2.83 -13.43
N MET B 187 3.97 -2.41 -14.34
CA MET B 187 3.68 -2.26 -15.76
C MET B 187 4.10 -3.41 -16.65
N GLY B 188 4.88 -4.34 -16.14
CA GLY B 188 5.31 -5.49 -16.93
C GLY B 188 5.95 -5.11 -18.25
N SER B 189 5.51 -5.75 -19.35
CA SER B 189 6.11 -5.52 -20.66
C SER B 189 5.94 -4.11 -21.21
N SER B 190 5.01 -3.31 -20.65
CA SER B 190 4.77 -1.94 -21.06
C SER B 190 5.84 -0.96 -20.57
N TYR B 191 6.68 -1.39 -19.61
CA TYR B 191 7.70 -0.47 -19.07
C TYR B 191 8.88 -0.37 -20.04
N GLY B 192 9.00 0.76 -20.73
CA GLY B 192 10.00 0.91 -21.78
C GLY B 192 11.46 0.76 -21.41
N PHE B 193 11.83 1.16 -20.18
CA PHE B 193 13.23 1.19 -19.80
C PHE B 193 13.88 -0.16 -19.55
N GLN B 194 13.10 -1.26 -19.57
CA GLN B 194 13.69 -2.58 -19.34
C GLN B 194 14.31 -3.11 -20.64
N TYR B 195 14.13 -2.37 -21.76
CA TYR B 195 14.60 -2.83 -23.08
C TYR B 195 15.83 -2.13 -23.59
N SER B 196 16.77 -2.93 -24.12
CA SER B 196 17.87 -2.38 -24.87
C SER B 196 17.24 -1.93 -26.24
N PRO B 197 17.96 -1.19 -27.10
CA PRO B 197 17.35 -0.80 -28.39
C PRO B 197 16.87 -2.01 -29.21
N LYS B 198 17.67 -3.09 -29.28
CA LYS B 198 17.20 -4.27 -30.06
C LYS B 198 15.98 -4.90 -29.43
N GLN B 199 15.91 -4.90 -28.09
CA GLN B 199 14.73 -5.47 -27.40
C GLN B 199 13.49 -4.60 -27.58
N ARG B 200 13.69 -3.27 -27.67
CA ARG B 200 12.56 -2.35 -27.90
C ARG B 200 12.00 -2.59 -29.30
N VAL B 201 12.88 -2.70 -30.32
N VAL B 201 12.87 -2.69 -30.31
CA VAL B 201 12.41 -2.96 -31.69
CA VAL B 201 12.40 -2.95 -31.68
C VAL B 201 11.68 -4.29 -31.75
C VAL B 201 11.65 -4.29 -31.70
N GLU B 202 12.21 -5.32 -31.06
CA GLU B 202 11.59 -6.66 -31.00
C GLU B 202 10.19 -6.56 -30.40
N PHE B 203 10.06 -5.83 -29.27
CA PHE B 203 8.75 -5.68 -28.65
C PHE B 203 7.77 -4.97 -29.58
N LEU B 204 8.22 -3.88 -30.25
CA LEU B 204 7.31 -3.11 -31.10
C LEU B 204 6.88 -3.94 -32.30
N VAL B 205 7.84 -4.57 -32.97
CA VAL B 205 7.59 -5.43 -34.15
C VAL B 205 6.67 -6.63 -33.78
N ASN B 206 6.97 -7.35 -32.67
CA ASN B 206 6.12 -8.48 -32.25
C ASN B 206 4.71 -8.04 -31.86
N THR B 207 4.60 -6.89 -31.17
CA THR B 207 3.29 -6.37 -30.79
C THR B 207 2.50 -6.05 -32.05
N TRP B 208 3.11 -5.34 -33.01
CA TRP B 208 2.50 -4.98 -34.29
C TRP B 208 1.99 -6.27 -34.99
N LYS B 209 2.84 -7.32 -35.02
CA LYS B 209 2.52 -8.62 -35.65
C LYS B 209 1.40 -9.39 -34.94
N SER B 210 1.27 -9.26 -33.61
CA SER B 210 0.29 -9.95 -32.78
C SER B 210 -1.17 -9.52 -33.05
N LYS B 211 -1.36 -8.36 -33.72
CA LYS B 211 -2.69 -7.83 -34.04
C LYS B 211 -3.12 -8.35 -35.41
N LYS B 212 -4.42 -8.69 -35.52
CA LYS B 212 -5.04 -9.17 -36.77
C LYS B 212 -4.96 -8.05 -37.81
N CYS B 213 -5.35 -6.83 -37.40
CA CYS B 213 -5.27 -5.64 -38.24
C CYS B 213 -4.75 -4.51 -37.31
N PRO B 214 -3.43 -4.26 -37.27
CA PRO B 214 -2.91 -3.26 -36.31
C PRO B 214 -3.18 -1.81 -36.63
N MET B 215 -3.32 -1.00 -35.55
CA MET B 215 -3.42 0.45 -35.62
C MET B 215 -2.55 0.88 -34.43
N GLY B 216 -1.79 1.93 -34.61
CA GLY B 216 -1.02 2.43 -33.47
C GLY B 216 -0.97 3.93 -33.47
N PHE B 217 -0.69 4.50 -32.30
CA PHE B 217 -0.52 5.93 -32.24
C PHE B 217 0.43 6.29 -31.13
N SER B 218 1.11 7.42 -31.31
CA SER B 218 1.94 8.01 -30.26
C SER B 218 1.03 9.06 -29.60
N TYR B 219 1.25 9.36 -28.31
CA TYR B 219 0.44 10.42 -27.67
C TYR B 219 1.42 11.36 -27.02
N ASP B 220 1.37 12.63 -27.46
CA ASP B 220 2.24 13.66 -26.92
C ASP B 220 1.45 14.49 -25.92
N THR B 221 1.86 14.45 -24.64
CA THR B 221 1.20 15.29 -23.63
C THR B 221 1.89 16.63 -23.68
N ARG B 222 1.12 17.71 -23.68
CA ARG B 222 1.67 19.07 -23.69
C ARG B 222 2.35 19.32 -22.31
N CYS B 223 3.68 19.58 -22.28
CA CYS B 223 4.43 19.96 -21.05
C CYS B 223 4.02 19.06 -19.91
N PHE B 224 4.26 17.76 -20.07
CA PHE B 224 3.78 16.77 -19.10
C PHE B 224 4.06 17.11 -17.65
N ASP B 225 5.29 17.55 -17.32
CA ASP B 225 5.58 17.85 -15.91
C ASP B 225 4.62 18.84 -15.31
N SER B 226 4.24 19.87 -16.10
N SER B 226 4.21 19.87 -16.09
CA SER B 226 3.33 20.91 -15.66
CA SER B 226 3.26 20.88 -15.60
C SER B 226 1.88 20.41 -15.48
C SER B 226 1.87 20.35 -15.41
N THR B 227 1.49 19.29 -16.15
CA THR B 227 0.15 18.72 -16.05
C THR B 227 -0.03 17.82 -14.80
N VAL B 228 1.12 17.40 -14.20
CA VAL B 228 1.11 16.52 -13.03
C VAL B 228 0.57 17.28 -11.83
N THR B 229 -0.53 16.78 -11.24
CA THR B 229 -1.19 17.46 -10.14
C THR B 229 -0.71 16.95 -8.78
N GLU B 230 -1.12 17.67 -7.72
CA GLU B 230 -0.81 17.24 -6.35
C GLU B 230 -1.46 15.87 -6.14
N SER B 231 -2.71 15.68 -6.67
CA SER B 231 -3.37 14.37 -6.57
C SER B 231 -2.52 13.30 -7.25
N ASP B 232 -2.02 13.57 -8.48
CA ASP B 232 -1.19 12.57 -9.18
C ASP B 232 0.03 12.17 -8.35
N ILE B 233 0.70 13.13 -7.68
CA ILE B 233 1.91 12.82 -6.91
C ILE B 233 1.58 12.00 -5.62
N ARG B 234 0.41 12.27 -5.03
CA ARG B 234 -0.07 11.49 -3.87
C ARG B 234 -0.53 10.10 -4.32
N VAL B 235 -1.11 9.98 -5.52
CA VAL B 235 -1.50 8.66 -6.07
C VAL B 235 -0.20 7.85 -6.31
N GLU B 236 0.81 8.49 -6.89
CA GLU B 236 2.10 7.84 -7.11
C GLU B 236 2.67 7.35 -5.76
N GLU B 237 2.62 8.21 -4.71
CA GLU B 237 3.07 7.78 -3.39
C GLU B 237 2.24 6.57 -2.91
N SER B 238 0.88 6.57 -3.17
CA SER B 238 0.05 5.45 -2.73
C SER B 238 0.53 4.14 -3.37
N ILE B 239 1.10 4.20 -4.60
CA ILE B 239 1.66 2.98 -5.23
C ILE B 239 2.95 2.59 -4.50
N TYR B 240 3.87 3.55 -4.26
CA TYR B 240 5.12 3.24 -3.54
C TYR B 240 4.84 2.65 -2.16
N GLN B 241 3.78 3.15 -1.48
CA GLN B 241 3.47 2.71 -0.12
C GLN B 241 2.98 1.24 -0.04
N CYS B 242 2.63 0.64 -1.20
CA CYS B 242 2.26 -0.77 -1.24
C CYS B 242 3.49 -1.68 -1.08
N CYS B 243 4.71 -1.14 -1.23
CA CYS B 243 5.93 -1.95 -1.06
C CYS B 243 6.07 -2.31 0.40
N ASP B 244 6.79 -3.42 0.67
CA ASP B 244 7.27 -3.69 2.00
C ASP B 244 8.49 -2.74 2.11
N LEU B 245 8.46 -1.89 3.14
CA LEU B 245 9.44 -0.84 3.34
C LEU B 245 9.93 -0.84 4.76
N ALA B 246 11.18 -0.43 4.97
CA ALA B 246 11.70 -0.20 6.31
C ALA B 246 10.92 1.01 6.86
N PRO B 247 10.66 1.06 8.19
CA PRO B 247 9.85 2.17 8.73
C PRO B 247 10.39 3.58 8.38
N GLU B 248 11.71 3.77 8.45
CA GLU B 248 12.28 5.10 8.13
C GLU B 248 12.17 5.39 6.64
N ALA B 249 12.17 4.33 5.81
CA ALA B 249 11.99 4.52 4.37
C ALA B 249 10.55 4.96 4.13
N ARG B 250 9.57 4.36 4.85
CA ARG B 250 8.18 4.76 4.67
C ARG B 250 8.02 6.24 5.04
N GLN B 251 8.62 6.66 6.17
CA GLN B 251 8.52 8.06 6.60
C GLN B 251 9.26 8.97 5.61
N ALA B 252 10.45 8.57 5.15
CA ALA B 252 11.18 9.42 4.19
C ALA B 252 10.33 9.61 2.93
N ILE B 253 9.65 8.56 2.47
CA ILE B 253 8.81 8.67 1.27
C ILE B 253 7.64 9.60 1.54
N ARG B 254 7.02 9.49 2.72
CA ARG B 254 5.89 10.33 3.09
C ARG B 254 6.33 11.83 3.16
N SER B 255 7.45 12.11 3.87
CA SER B 255 7.95 13.48 4.03
C SER B 255 8.44 14.03 2.70
N LEU B 256 9.18 13.23 1.91
CA LEU B 256 9.64 13.75 0.59
C LEU B 256 8.41 14.04 -0.30
N THR B 257 7.35 13.21 -0.23
CA THR B 257 6.16 13.48 -1.05
C THR B 257 5.58 14.84 -0.70
N GLU B 258 5.38 15.11 0.59
CA GLU B 258 4.74 16.36 1.00
C GLU B 258 5.63 17.55 0.95
N ARG B 259 6.93 17.36 1.17
CA ARG B 259 7.85 18.49 1.27
C ARG B 259 8.55 18.84 -0.03
N LEU B 260 8.66 17.86 -0.92
CA LEU B 260 9.42 18.04 -2.16
C LEU B 260 8.65 17.66 -3.41
N TYR B 261 8.16 16.42 -3.46
CA TYR B 261 7.58 16.02 -4.75
C TYR B 261 6.31 16.77 -5.15
N ILE B 262 5.41 17.05 -4.21
CA ILE B 262 4.16 17.76 -4.56
C ILE B 262 4.37 19.22 -4.96
N GLY B 263 5.50 19.82 -4.57
CA GLY B 263 5.73 21.23 -4.88
C GLY B 263 6.61 21.88 -3.84
N GLY B 264 6.80 23.18 -3.98
CA GLY B 264 7.69 23.88 -3.06
C GLY B 264 8.23 25.16 -3.68
N PRO B 265 8.97 25.94 -2.87
CA PRO B 265 9.51 27.22 -3.36
C PRO B 265 10.63 27.02 -4.35
N LEU B 266 10.75 27.98 -5.27
CA LEU B 266 11.76 27.96 -6.31
C LEU B 266 12.71 29.12 -6.08
N THR B 267 13.98 28.81 -5.97
CA THR B 267 15.03 29.80 -5.70
C THR B 267 15.97 29.88 -6.90
N ASN B 268 16.30 31.10 -7.38
CA ASN B 268 17.20 31.19 -8.53
C ASN B 268 18.67 31.08 -8.07
N SER B 269 19.62 31.17 -9.02
CA SER B 269 21.07 31.04 -8.73
C SER B 269 21.59 32.17 -7.85
N LYS B 270 20.86 33.30 -7.78
CA LYS B 270 21.19 34.46 -6.95
C LYS B 270 20.62 34.35 -5.54
N GLY B 271 19.85 33.28 -5.26
CA GLY B 271 19.27 33.07 -3.94
C GLY B 271 17.97 33.81 -3.73
N GLN B 272 17.38 34.33 -4.81
CA GLN B 272 16.12 35.04 -4.70
C GLN B 272 14.96 34.08 -4.87
N ASN B 273 13.85 34.35 -4.19
CA ASN B 273 12.64 33.55 -4.34
C ASN B 273 11.94 33.90 -5.67
N CYS B 274 11.85 32.92 -6.58
CA CYS B 274 11.22 33.05 -7.91
C CYS B 274 9.75 32.75 -7.94
N GLY B 275 9.28 31.99 -6.96
CA GLY B 275 7.88 31.62 -6.95
C GLY B 275 7.68 30.26 -6.33
N TYR B 276 6.62 29.59 -6.75
CA TYR B 276 6.22 28.30 -6.15
C TYR B 276 5.76 27.33 -7.20
N ARG B 277 6.15 26.05 -7.03
CA ARG B 277 5.79 24.96 -7.95
C ARG B 277 4.73 24.07 -7.32
N ARG B 278 3.71 23.65 -8.10
CA ARG B 278 2.66 22.73 -7.62
C ARG B 278 2.53 21.58 -8.62
N CYS B 279 3.64 21.26 -9.26
CA CYS B 279 3.67 20.19 -10.27
C CYS B 279 4.99 19.43 -10.17
N ARG B 280 5.25 18.55 -11.16
CA ARG B 280 6.45 17.73 -11.19
C ARG B 280 7.72 18.55 -11.31
N ALA B 281 8.69 18.29 -10.42
CA ALA B 281 10.04 18.84 -10.54
C ALA B 281 10.82 17.94 -11.50
N SER B 282 11.58 18.52 -12.43
CA SER B 282 12.34 17.72 -13.37
C SER B 282 13.49 16.95 -12.74
N GLY B 283 14.08 17.52 -11.70
CA GLY B 283 15.33 17.04 -11.14
C GLY B 283 15.25 16.39 -9.79
N VAL B 284 14.35 15.42 -9.69
CA VAL B 284 14.26 14.61 -8.48
C VAL B 284 14.30 13.13 -8.86
N LEU B 285 14.59 12.26 -7.86
CA LEU B 285 14.78 10.85 -8.17
C LEU B 285 13.56 10.19 -8.80
N THR B 286 12.36 10.55 -8.32
CA THR B 286 11.10 9.93 -8.74
C THR B 286 10.53 10.45 -10.05
N THR B 287 11.17 11.43 -10.71
CA THR B 287 10.55 11.96 -11.93
C THR B 287 10.33 10.92 -13.02
N SER B 288 11.34 10.12 -13.34
CA SER B 288 11.15 9.14 -14.43
C SER B 288 10.08 8.10 -14.09
N CYS B 289 10.19 7.50 -12.91
CA CYS B 289 9.25 6.48 -12.43
C CYS B 289 7.85 7.05 -12.27
N GLY B 290 7.77 8.21 -11.59
CA GLY B 290 6.49 8.87 -11.35
C GLY B 290 5.81 9.26 -12.64
N ASN B 291 6.58 9.81 -13.60
CA ASN B 291 5.97 10.19 -14.87
C ASN B 291 5.51 8.94 -15.62
N THR B 292 6.32 7.87 -15.57
CA THR B 292 5.96 6.65 -16.31
C THR B 292 4.69 6.04 -15.73
N LEU B 293 4.62 5.95 -14.39
CA LEU B 293 3.43 5.38 -13.74
C LEU B 293 2.20 6.24 -14.03
N THR B 294 2.36 7.58 -13.97
CA THR B 294 1.24 8.50 -14.16
C THR B 294 0.70 8.44 -15.59
N CYS B 295 1.65 8.44 -16.56
CA CYS B 295 1.30 8.34 -17.96
C CYS B 295 0.60 7.00 -18.22
N TYR B 296 1.17 5.90 -17.73
CA TYR B 296 0.56 4.57 -17.87
C TYR B 296 -0.85 4.50 -17.28
N LEU B 297 -1.03 5.05 -16.08
CA LEU B 297 -2.32 5.04 -15.41
C LEU B 297 -3.36 5.79 -16.23
N LYS B 298 -3.04 7.04 -16.57
CA LYS B 298 -4.00 7.87 -17.28
C LYS B 298 -4.30 7.23 -18.64
N ALA B 299 -3.27 6.78 -19.35
CA ALA B 299 -3.50 6.18 -20.69
C ALA B 299 -4.27 4.86 -20.64
N THR B 300 -3.98 4.00 -19.66
CA THR B 300 -4.72 2.72 -19.58
C THR B 300 -6.17 2.97 -19.36
N ALA B 301 -6.47 3.90 -18.42
CA ALA B 301 -7.84 4.28 -18.12
C ALA B 301 -8.49 4.94 -19.32
N ALA B 302 -7.78 5.85 -20.03
CA ALA B 302 -8.32 6.51 -21.22
C ALA B 302 -8.61 5.51 -22.33
N CYS B 303 -7.78 4.46 -22.49
CA CYS B 303 -8.02 3.41 -23.51
C CYS B 303 -9.36 2.74 -23.21
N ARG B 304 -9.67 2.50 -21.93
CA ARG B 304 -10.97 1.90 -21.58
C ARG B 304 -12.13 2.84 -21.85
N ALA B 305 -12.01 4.13 -21.49
CA ALA B 305 -13.09 5.11 -21.74
C ALA B 305 -13.33 5.26 -23.25
N ALA B 306 -12.25 5.14 -24.06
CA ALA B 306 -12.28 5.31 -25.52
C ALA B 306 -12.79 4.08 -26.28
N LYS B 307 -12.84 2.94 -25.60
CA LYS B 307 -13.23 1.67 -26.22
C LYS B 307 -12.22 1.20 -27.29
N LEU B 308 -10.93 1.44 -27.04
CA LEU B 308 -9.89 0.98 -27.96
C LEU B 308 -9.75 -0.50 -27.64
N GLN B 309 -9.55 -1.34 -28.65
CA GLN B 309 -9.54 -2.78 -28.42
C GLN B 309 -8.16 -3.39 -28.43
N ASP B 310 -7.90 -4.33 -27.50
CA ASP B 310 -6.65 -5.11 -27.44
C ASP B 310 -5.41 -4.19 -27.50
N CYS B 311 -5.38 -3.16 -26.63
CA CYS B 311 -4.26 -2.21 -26.55
C CYS B 311 -3.06 -2.85 -25.93
N THR B 312 -1.89 -2.50 -26.45
CA THR B 312 -0.60 -2.84 -25.87
C THR B 312 0.11 -1.49 -25.78
N MET B 313 0.52 -1.10 -24.58
CA MET B 313 1.17 0.20 -24.49
C MET B 313 2.65 0.07 -24.20
N LEU B 314 3.43 1.08 -24.58
CA LEU B 314 4.86 1.13 -24.30
C LEU B 314 5.14 2.54 -23.79
N VAL B 315 5.49 2.65 -22.49
CA VAL B 315 5.65 3.96 -21.84
C VAL B 315 7.07 4.16 -21.32
N ASN B 316 7.65 5.36 -21.55
CA ASN B 316 8.96 5.73 -21.00
C ASN B 316 8.76 7.18 -20.56
N GLY B 317 8.67 7.41 -19.26
CA GLY B 317 8.46 8.79 -18.77
C GLY B 317 7.11 9.32 -19.25
N ASP B 318 7.12 10.48 -19.94
CA ASP B 318 5.90 11.06 -20.50
C ASP B 318 5.63 10.60 -21.96
N ASP B 319 6.47 9.71 -22.49
CA ASP B 319 6.35 9.26 -23.88
C ASP B 319 5.53 7.99 -23.92
N LEU B 320 4.53 7.97 -24.78
CA LEU B 320 3.59 6.88 -24.87
C LEU B 320 3.32 6.43 -26.29
N VAL B 321 3.29 5.12 -26.50
CA VAL B 321 2.86 4.57 -27.79
C VAL B 321 1.87 3.44 -27.48
N VAL B 322 0.77 3.38 -28.26
CA VAL B 322 -0.28 2.39 -28.08
C VAL B 322 -0.45 1.65 -29.41
N ILE B 323 -0.44 0.31 -29.37
CA ILE B 323 -0.70 -0.52 -30.56
C ILE B 323 -1.97 -1.32 -30.20
N CYS B 324 -2.98 -1.25 -31.06
N CYS B 324 -3.05 -1.13 -31.00
CA CYS B 324 -4.23 -1.93 -30.78
CA CYS B 324 -4.32 -1.82 -30.77
C CYS B 324 -4.79 -2.61 -32.03
C CYS B 324 -4.82 -2.56 -32.03
N GLU B 325 -5.98 -3.19 -31.90
CA GLU B 325 -6.67 -3.91 -32.97
C GLU B 325 -7.59 -2.86 -33.64
N SER B 326 -7.39 -2.61 -34.95
CA SER B 326 -8.17 -1.63 -35.71
C SER B 326 -9.63 -2.05 -35.77
N ALA B 327 -10.53 -1.07 -35.63
CA ALA B 327 -11.97 -1.29 -35.79
C ALA B 327 -12.47 -0.58 -37.07
N GLY B 328 -11.54 -0.26 -37.97
CA GLY B 328 -11.79 0.48 -39.20
C GLY B 328 -11.34 1.92 -39.03
N THR B 329 -11.05 2.61 -40.14
CA THR B 329 -10.52 3.98 -40.11
C THR B 329 -11.40 5.01 -39.38
N GLN B 330 -12.72 4.96 -39.63
CA GLN B 330 -13.68 5.90 -39.03
C GLN B 330 -13.77 5.70 -37.53
N GLU B 331 -13.98 4.43 -37.10
CA GLU B 331 -14.10 4.08 -35.69
C GLU B 331 -12.79 4.33 -34.94
N ASP B 332 -11.62 4.04 -35.59
CA ASP B 332 -10.32 4.26 -34.94
C ASP B 332 -10.12 5.75 -34.64
N ALA B 333 -10.47 6.62 -35.60
CA ALA B 333 -10.34 8.07 -35.46
C ALA B 333 -11.27 8.59 -34.36
N ALA B 334 -12.49 8.02 -34.26
CA ALA B 334 -13.46 8.39 -33.25
C ALA B 334 -12.97 7.91 -31.85
N ALA B 335 -12.40 6.70 -31.79
CA ALA B 335 -11.91 6.17 -30.51
C ALA B 335 -10.72 7.01 -30.03
N LEU B 336 -9.81 7.38 -30.95
CA LEU B 336 -8.69 8.24 -30.57
C LEU B 336 -9.13 9.63 -30.10
N ARG B 337 -10.20 10.20 -30.72
CA ARG B 337 -10.74 11.47 -30.24
C ARG B 337 -11.24 11.31 -28.79
N ALA B 338 -11.91 10.15 -28.48
CA ALA B 338 -12.42 9.87 -27.13
C ALA B 338 -11.24 9.70 -26.18
N PHE B 339 -10.17 9.03 -26.63
CA PHE B 339 -8.96 8.80 -25.81
C PHE B 339 -8.37 10.16 -25.41
N THR B 340 -8.26 11.08 -26.38
CA THR B 340 -7.71 12.42 -26.14
C THR B 340 -8.59 13.21 -25.19
N GLU B 341 -9.94 13.14 -25.34
CA GLU B 341 -10.80 13.85 -24.41
C GLU B 341 -10.62 13.30 -22.98
N ALA B 342 -10.46 11.97 -22.85
CA ALA B 342 -10.29 11.32 -21.54
C ALA B 342 -8.96 11.73 -20.91
N MET B 343 -7.88 11.73 -21.71
CA MET B 343 -6.56 12.15 -21.20
C MET B 343 -6.63 13.60 -20.74
N THR B 344 -7.38 14.43 -21.48
CA THR B 344 -7.51 15.83 -21.12
C THR B 344 -8.16 15.99 -19.76
N ARG B 345 -9.29 15.27 -19.53
CA ARG B 345 -10.00 15.33 -18.25
C ARG B 345 -9.07 14.88 -17.12
N TYR B 346 -8.17 13.95 -17.40
CA TYR B 346 -7.23 13.43 -16.39
C TYR B 346 -6.04 14.35 -16.19
N SER B 347 -6.00 15.51 -16.85
CA SER B 347 -4.85 16.44 -16.77
C SER B 347 -3.63 15.88 -17.49
N ALA B 348 -3.84 15.44 -18.75
CA ALA B 348 -2.76 15.05 -19.65
C ALA B 348 -3.21 15.51 -21.06
N PRO B 349 -3.42 16.84 -21.23
CA PRO B 349 -3.88 17.37 -22.51
C PRO B 349 -2.84 17.16 -23.60
N PRO B 350 -3.27 17.09 -24.86
CA PRO B 350 -2.32 16.84 -25.94
C PRO B 350 -1.48 18.02 -26.39
N GLY B 351 -0.28 17.70 -26.87
CA GLY B 351 0.62 18.64 -27.52
C GLY B 351 0.33 18.48 -29.00
N ASP B 352 1.19 17.75 -29.70
CA ASP B 352 0.90 17.43 -31.10
C ASP B 352 -0.40 16.60 -31.14
N PRO B 353 -1.33 16.88 -32.07
CA PRO B 353 -2.57 16.09 -32.09
C PRO B 353 -2.32 14.61 -32.45
N PRO B 354 -2.86 13.61 -31.68
CA PRO B 354 -2.59 12.22 -32.03
C PRO B 354 -3.33 11.84 -33.30
N GLN B 355 -2.71 10.93 -34.07
CA GLN B 355 -3.23 10.44 -35.35
C GLN B 355 -3.14 8.91 -35.35
N PRO B 356 -4.17 8.17 -35.84
CA PRO B 356 -3.99 6.73 -35.99
C PRO B 356 -3.05 6.45 -37.16
N GLU B 357 -2.20 5.43 -37.03
CA GLU B 357 -1.26 5.02 -38.08
C GLU B 357 -1.46 3.54 -38.35
N TYR B 358 -1.29 3.13 -39.62
CA TYR B 358 -1.45 1.74 -40.04
C TYR B 358 -0.15 1.16 -40.56
N ASP B 359 0.94 1.93 -40.44
CA ASP B 359 2.30 1.55 -40.82
C ASP B 359 3.15 1.83 -39.59
N LEU B 360 3.81 0.80 -39.04
CA LEU B 360 4.64 0.90 -37.84
C LEU B 360 5.80 1.89 -38.01
N GLU B 361 6.34 2.01 -39.25
CA GLU B 361 7.45 2.92 -39.55
C GLU B 361 7.07 4.37 -39.40
N LEU B 362 5.76 4.68 -39.49
CA LEU B 362 5.25 6.04 -39.41
C LEU B 362 4.99 6.52 -37.99
N ILE B 363 5.16 5.63 -36.99
CA ILE B 363 4.95 6.03 -35.61
C ILE B 363 6.30 6.47 -35.03
N THR B 364 6.34 7.66 -34.45
CA THR B 364 7.53 8.14 -33.75
C THR B 364 7.22 7.97 -32.27
N SER B 365 8.06 7.21 -31.54
CA SER B 365 7.91 7.00 -30.10
C SER B 365 9.31 7.09 -29.54
N CYS B 366 9.45 7.84 -28.43
N CYS B 366 9.50 7.81 -28.41
CA CYS B 366 10.73 8.05 -27.76
CA CYS B 366 10.84 8.05 -27.82
C CYS B 366 11.68 8.68 -28.83
C CYS B 366 11.73 8.73 -28.86
N SER B 367 11.13 9.68 -29.59
CA SER B 367 11.78 10.42 -30.71
C SER B 367 12.30 9.49 -31.83
N SER B 368 11.87 8.21 -31.84
CA SER B 368 12.41 7.26 -32.81
C SER B 368 11.33 6.51 -33.59
N ASN B 369 11.71 5.96 -34.72
CA ASN B 369 10.79 5.16 -35.54
C ASN B 369 11.51 3.89 -35.99
N VAL B 370 10.74 2.83 -36.16
CA VAL B 370 11.25 1.54 -36.64
C VAL B 370 11.52 1.69 -38.14
N SER B 371 12.67 1.24 -38.60
CA SER B 371 12.95 1.25 -40.03
C SER B 371 13.58 -0.07 -40.36
N VAL B 372 13.68 -0.40 -41.64
CA VAL B 372 14.28 -1.66 -42.05
C VAL B 372 15.46 -1.49 -42.97
N ALA B 373 16.47 -2.33 -42.76
CA ALA B 373 17.68 -2.40 -43.56
C ALA B 373 17.96 -3.89 -43.80
N HIS B 374 19.05 -4.20 -44.47
CA HIS B 374 19.38 -5.60 -44.73
C HIS B 374 20.78 -5.89 -44.24
N ASP B 375 20.98 -7.09 -43.66
CA ASP B 375 22.34 -7.44 -43.25
C ASP B 375 23.15 -7.95 -44.48
N ALA B 376 24.38 -8.42 -44.25
CA ALA B 376 25.25 -8.89 -45.34
C ALA B 376 24.67 -10.06 -46.16
N SER B 377 23.69 -10.81 -45.58
CA SER B 377 23.05 -11.95 -46.22
C SER B 377 21.69 -11.60 -46.85
N GLY B 378 21.27 -10.34 -46.75
CA GLY B 378 20.00 -9.88 -47.29
C GLY B 378 18.85 -10.08 -46.32
N LYS B 379 19.15 -10.58 -45.12
CA LYS B 379 18.19 -10.76 -44.03
C LYS B 379 17.68 -9.38 -43.59
N ARG B 380 16.36 -9.22 -43.50
CA ARG B 380 15.71 -7.98 -43.06
C ARG B 380 16.02 -7.79 -41.58
N VAL B 381 16.48 -6.58 -41.22
CA VAL B 381 16.84 -6.21 -39.85
C VAL B 381 16.06 -4.96 -39.49
N TYR B 382 15.28 -5.01 -38.42
CA TYR B 382 14.53 -3.85 -37.96
C TYR B 382 15.39 -3.15 -36.94
N TYR B 383 15.36 -1.83 -36.98
CA TYR B 383 16.16 -1.03 -36.05
C TYR B 383 15.46 0.26 -35.80
N LEU B 384 15.90 1.00 -34.75
CA LEU B 384 15.33 2.30 -34.47
C LEU B 384 16.21 3.39 -35.01
N THR B 385 15.56 4.41 -35.58
CA THR B 385 16.26 5.59 -36.08
C THR B 385 15.50 6.81 -35.69
N ARG B 386 15.99 7.96 -36.09
CA ARG B 386 15.34 9.22 -35.82
C ARG B 386 15.83 10.25 -36.80
N ASP B 387 15.12 11.39 -36.88
CA ASP B 387 15.60 12.50 -37.69
C ASP B 387 16.97 12.89 -37.07
N PRO B 388 18.07 12.96 -37.85
CA PRO B 388 19.37 13.24 -37.23
C PRO B 388 19.68 14.72 -37.03
N THR B 389 18.73 15.65 -37.22
CA THR B 389 19.00 17.09 -37.07
C THR B 389 19.57 17.46 -35.70
N THR B 390 18.85 17.13 -34.62
CA THR B 390 19.32 17.45 -33.27
C THR B 390 20.64 16.74 -32.97
N PRO B 391 20.77 15.40 -33.18
CA PRO B 391 22.07 14.75 -32.95
C PRO B 391 23.24 15.41 -33.70
N LEU B 392 23.01 15.81 -34.97
CA LEU B 392 24.07 16.47 -35.72
C LEU B 392 24.38 17.90 -35.25
N ALA B 393 23.36 18.70 -34.91
CA ALA B 393 23.55 20.06 -34.36
C ALA B 393 24.34 19.94 -33.03
N ARG B 394 24.00 18.94 -32.19
CA ARG B 394 24.72 18.74 -30.92
C ARG B 394 26.15 18.27 -31.10
N ALA B 395 26.42 17.41 -32.11
CA ALA B 395 27.75 16.92 -32.44
C ALA B 395 28.63 18.07 -32.89
N ALA B 396 28.06 19.02 -33.66
CA ALA B 396 28.81 20.19 -34.14
C ALA B 396 29.17 21.05 -32.92
N TRP B 397 28.21 21.27 -32.01
CA TRP B 397 28.44 22.05 -30.78
C TRP B 397 29.57 21.44 -29.96
N GLU B 398 29.50 20.12 -29.74
CA GLU B 398 30.49 19.37 -28.95
C GLU B 398 31.86 19.33 -29.58
N THR B 399 31.93 19.46 -30.91
CA THR B 399 33.21 19.52 -31.63
C THR B 399 33.89 20.87 -31.34
N ALA B 400 33.11 21.96 -31.33
CA ALA B 400 33.60 23.34 -31.14
C ALA B 400 33.73 23.81 -29.69
N ARG B 401 32.88 23.29 -28.78
CA ARG B 401 32.86 23.70 -27.38
C ARG B 401 32.91 22.49 -26.47
N HIS B 402 33.59 22.66 -25.33
CA HIS B 402 33.70 21.63 -24.29
C HIS B 402 32.35 21.53 -23.58
N THR B 403 31.76 20.33 -23.54
CA THR B 403 30.44 20.11 -22.89
C THR B 403 30.55 19.00 -21.83
N PRO B 404 29.78 19.06 -20.72
CA PRO B 404 29.91 18.00 -19.69
C PRO B 404 29.53 16.59 -20.18
N ILE B 405 28.41 16.47 -20.92
CA ILE B 405 27.93 15.19 -21.45
C ILE B 405 28.16 15.15 -22.96
N ASN B 406 28.67 14.04 -23.48
CA ASN B 406 28.93 13.87 -24.92
C ASN B 406 27.72 13.20 -25.56
N SER B 407 26.81 14.01 -26.14
CA SER B 407 25.61 13.46 -26.76
C SER B 407 25.99 12.61 -27.96
N TRP B 408 27.10 12.95 -28.65
CA TRP B 408 27.52 12.13 -29.80
C TRP B 408 27.80 10.68 -29.41
N LEU B 409 28.42 10.46 -28.23
CA LEU B 409 28.77 9.11 -27.77
C LEU B 409 27.50 8.32 -27.45
N GLY B 410 26.57 8.95 -26.72
CA GLY B 410 25.27 8.34 -26.40
C GLY B 410 24.52 8.01 -27.68
N ASN B 411 24.57 8.92 -28.68
CA ASN B 411 23.89 8.67 -29.96
C ASN B 411 24.52 7.54 -30.75
N ILE B 412 25.85 7.44 -30.76
CA ILE B 412 26.52 6.31 -31.43
C ILE B 412 26.10 5.02 -30.75
N ILE B 413 26.09 4.98 -29.40
CA ILE B 413 25.68 3.77 -28.68
C ILE B 413 24.23 3.36 -28.99
N MET B 414 23.29 4.32 -28.89
CA MET B 414 21.87 4.01 -29.03
C MET B 414 21.34 3.88 -30.45
N TYR B 415 22.02 4.53 -31.40
CA TYR B 415 21.61 4.56 -32.81
C TYR B 415 22.73 4.01 -33.71
N ALA B 416 23.54 3.11 -33.17
CA ALA B 416 24.65 2.49 -33.90
C ALA B 416 24.24 1.86 -35.25
N PRO B 417 23.05 1.24 -35.43
CA PRO B 417 22.74 0.65 -36.74
C PRO B 417 22.38 1.67 -37.81
N THR B 418 22.16 2.94 -37.42
CA THR B 418 21.68 3.96 -38.35
C THR B 418 22.73 4.37 -39.35
N LEU B 419 22.28 4.84 -40.51
CA LEU B 419 23.14 5.27 -41.61
C LEU B 419 23.92 6.53 -41.16
N TRP B 420 23.23 7.47 -40.48
CA TRP B 420 23.82 8.71 -39.99
C TRP B 420 24.82 8.51 -38.83
N ALA B 421 24.51 7.60 -37.87
CA ALA B 421 25.48 7.41 -36.77
C ALA B 421 26.74 6.75 -37.26
N ARG B 422 26.59 5.79 -38.18
CA ARG B 422 27.73 5.07 -38.70
C ARG B 422 28.58 5.88 -39.64
N MET B 423 27.94 6.51 -40.61
CA MET B 423 28.70 7.23 -41.63
C MET B 423 29.23 8.57 -41.20
N ILE B 424 28.45 9.29 -40.39
CA ILE B 424 28.83 10.63 -39.96
C ILE B 424 29.44 10.66 -38.58
N LEU B 425 28.68 10.26 -37.54
CA LEU B 425 29.22 10.38 -36.17
C LEU B 425 30.46 9.54 -35.90
N MET B 426 30.43 8.26 -36.25
CA MET B 426 31.60 7.42 -36.01
C MET B 426 32.80 7.96 -36.76
N THR B 427 32.62 8.30 -38.07
CA THR B 427 33.73 8.81 -38.87
C THR B 427 34.34 10.07 -38.26
N HIS B 428 33.50 11.07 -38.04
CA HIS B 428 33.88 12.38 -37.51
C HIS B 428 34.59 12.29 -36.17
N PHE B 429 33.98 11.59 -35.20
CA PHE B 429 34.62 11.52 -33.86
C PHE B 429 35.83 10.62 -33.78
N PHE B 430 35.84 9.51 -34.53
CA PHE B 430 37.01 8.64 -34.52
C PHE B 430 38.22 9.33 -35.14
N SER B 431 38.00 10.19 -36.16
CA SER B 431 39.07 11.00 -36.79
C SER B 431 39.71 11.92 -35.77
N ILE B 432 38.86 12.63 -34.99
CA ILE B 432 39.29 13.60 -33.97
C ILE B 432 40.05 12.90 -32.84
N LEU B 433 39.48 11.81 -32.28
CA LEU B 433 40.10 11.09 -31.16
C LEU B 433 41.43 10.47 -31.56
N LEU B 434 41.55 9.97 -32.80
CA LEU B 434 42.79 9.41 -33.36
C LEU B 434 43.87 10.48 -33.36
N ALA B 435 43.57 11.67 -33.93
CA ALA B 435 44.49 12.80 -34.04
C ALA B 435 44.97 13.30 -32.68
N GLN B 436 44.06 13.30 -31.69
CA GLN B 436 44.30 13.74 -30.33
C GLN B 436 44.89 12.65 -29.42
N GLU B 437 44.97 11.39 -29.90
CA GLU B 437 45.47 10.22 -29.14
C GLU B 437 44.62 10.02 -27.87
N GLN B 438 43.29 10.18 -28.03
CA GLN B 438 42.33 10.11 -26.95
C GLN B 438 41.29 9.02 -27.09
N LEU B 439 41.52 8.01 -27.96
CA LEU B 439 40.56 6.92 -28.15
C LEU B 439 40.28 6.14 -26.86
N GLY B 440 41.29 6.01 -26.00
CA GLY B 440 41.14 5.27 -24.76
C GLY B 440 40.76 6.11 -23.55
N LYS B 441 40.38 7.38 -23.76
CA LYS B 441 39.99 8.26 -22.65
C LYS B 441 38.49 8.13 -22.41
N ALA B 442 38.08 7.74 -21.18
CA ALA B 442 36.66 7.58 -20.84
C ALA B 442 35.93 8.92 -20.89
N LEU B 443 34.74 8.92 -21.52
CA LEU B 443 33.96 10.13 -21.69
C LEU B 443 32.58 9.93 -21.11
N ASP B 444 32.01 10.99 -20.57
CA ASP B 444 30.68 10.90 -19.98
C ASP B 444 29.61 10.95 -21.02
N CYS B 445 28.60 10.11 -20.85
CA CYS B 445 27.44 10.09 -21.71
C CYS B 445 26.26 9.62 -20.87
N GLN B 446 25.05 9.66 -21.45
CA GLN B 446 23.85 9.28 -20.70
C GLN B 446 23.07 8.23 -21.45
N ILE B 447 22.64 7.19 -20.70
CA ILE B 447 21.84 6.11 -21.27
C ILE B 447 20.64 5.95 -20.35
N TYR B 448 19.45 6.17 -20.89
CA TYR B 448 18.21 6.09 -20.11
C TYR B 448 18.28 6.98 -18.87
N GLY B 449 18.87 8.16 -19.05
CA GLY B 449 18.96 9.14 -17.98
C GLY B 449 20.14 9.03 -17.03
N ALA B 450 20.77 7.84 -16.96
CA ALA B 450 21.91 7.61 -16.06
C ALA B 450 23.22 7.95 -16.73
N CYS B 451 24.17 8.41 -15.93
N CYS B 451 24.19 8.39 -15.92
CA CYS B 451 25.49 8.80 -16.42
CA CYS B 451 25.52 8.78 -16.36
C CYS B 451 26.44 7.61 -16.43
C CYS B 451 26.45 7.59 -16.41
N TYR B 452 27.16 7.44 -17.55
CA TYR B 452 28.13 6.37 -17.77
C TYR B 452 29.41 7.03 -18.23
N SER B 453 30.55 6.44 -17.90
CA SER B 453 31.85 6.92 -18.33
C SER B 453 32.39 5.79 -19.23
N ILE B 454 32.39 6.04 -20.56
CA ILE B 454 32.71 5.01 -21.55
C ILE B 454 33.89 5.41 -22.44
N GLU B 455 34.78 4.45 -22.69
CA GLU B 455 35.92 4.67 -23.58
C GLU B 455 35.49 4.36 -25.01
N PRO B 456 35.75 5.27 -25.97
CA PRO B 456 35.35 4.99 -27.37
C PRO B 456 35.89 3.64 -27.90
N LEU B 457 37.06 3.18 -27.39
CA LEU B 457 37.65 1.91 -27.79
C LEU B 457 36.80 0.67 -27.45
N ASP B 458 35.81 0.81 -26.54
CA ASP B 458 34.93 -0.29 -26.15
C ASP B 458 33.62 -0.32 -26.95
N LEU B 459 33.43 0.65 -27.87
CA LEU B 459 32.21 0.74 -28.69
C LEU B 459 31.85 -0.50 -29.47
N PRO B 460 32.78 -1.22 -30.14
CA PRO B 460 32.34 -2.42 -30.90
C PRO B 460 31.61 -3.48 -30.05
N GLN B 461 32.14 -3.83 -28.87
CA GLN B 461 31.51 -4.80 -27.97
C GLN B 461 30.17 -4.28 -27.45
N ILE B 462 30.10 -2.97 -27.11
CA ILE B 462 28.83 -2.38 -26.64
C ILE B 462 27.78 -2.51 -27.71
N ILE B 463 28.13 -2.13 -28.94
CA ILE B 463 27.21 -2.14 -30.07
C ILE B 463 26.68 -3.56 -30.36
N GLU B 464 27.58 -4.55 -30.31
CA GLU B 464 27.20 -5.95 -30.56
C GLU B 464 26.12 -6.41 -29.58
N ARG B 465 26.25 -6.03 -28.30
CA ARG B 465 25.28 -6.41 -27.29
C ARG B 465 23.95 -5.69 -27.39
N LEU B 466 23.96 -4.36 -27.63
CA LEU B 466 22.70 -3.62 -27.66
C LEU B 466 21.94 -3.83 -28.96
N HIS B 467 22.67 -4.17 -30.05
CA HIS B 467 22.07 -4.22 -31.39
C HIS B 467 22.26 -5.51 -32.18
N GLY B 468 23.22 -6.33 -31.81
CA GLY B 468 23.55 -7.53 -32.58
C GLY B 468 24.61 -7.20 -33.61
N LEU B 469 25.31 -8.25 -34.09
CA LEU B 469 26.38 -8.19 -35.09
C LEU B 469 25.94 -7.49 -36.38
N SER B 470 24.66 -7.60 -36.74
CA SER B 470 24.10 -6.98 -37.94
C SER B 470 24.32 -5.46 -37.99
N ALA B 471 24.47 -4.78 -36.82
CA ALA B 471 24.72 -3.34 -36.75
C ALA B 471 25.96 -2.88 -37.58
N PHE B 472 26.89 -3.82 -37.84
CA PHE B 472 28.14 -3.57 -38.58
C PHE B 472 28.04 -3.95 -40.07
N THR B 473 26.89 -4.56 -40.49
CA THR B 473 26.74 -5.00 -41.88
C THR B 473 25.49 -4.45 -42.59
N LEU B 474 24.71 -3.61 -41.90
CA LEU B 474 23.53 -3.04 -42.51
C LEU B 474 23.81 -2.26 -43.78
N HIS B 475 22.97 -2.51 -44.79
CA HIS B 475 23.00 -1.83 -46.09
C HIS B 475 21.58 -1.92 -46.63
N SER B 476 21.33 -1.33 -47.81
CA SER B 476 20.02 -1.30 -48.47
C SER B 476 18.96 -0.69 -47.52
N TYR B 477 19.27 0.51 -47.02
CA TYR B 477 18.42 1.27 -46.13
C TYR B 477 17.22 1.75 -46.94
N SER B 478 16.12 2.06 -46.27
CA SER B 478 14.90 2.47 -46.96
C SER B 478 15.04 3.83 -47.68
N PRO B 479 14.35 4.03 -48.83
CA PRO B 479 14.44 5.34 -49.52
C PRO B 479 14.00 6.50 -48.62
N GLY B 480 12.93 6.29 -47.84
CA GLY B 480 12.40 7.24 -46.87
C GLY B 480 13.45 7.66 -45.84
N GLU B 481 14.23 6.68 -45.33
CA GLU B 481 15.31 6.93 -44.37
C GLU B 481 16.47 7.69 -45.03
N ILE B 482 16.90 7.26 -46.24
CA ILE B 482 17.98 7.91 -46.98
C ILE B 482 17.60 9.36 -47.31
N ASN B 483 16.36 9.57 -47.79
CA ASN B 483 15.84 10.90 -48.13
C ASN B 483 15.80 11.80 -46.90
N ARG B 484 15.38 11.25 -45.74
CA ARG B 484 15.31 11.98 -44.45
C ARG B 484 16.70 12.47 -44.06
N VAL B 485 17.70 11.59 -44.16
CA VAL B 485 19.08 11.90 -43.82
C VAL B 485 19.67 12.92 -44.80
N ALA B 486 19.61 12.62 -46.11
CA ALA B 486 20.13 13.50 -47.17
C ALA B 486 19.56 14.91 -47.04
N SER B 487 18.24 15.03 -46.78
CA SER B 487 17.52 16.29 -46.59
C SER B 487 18.05 17.06 -45.37
N CYS B 488 18.29 16.35 -44.25
CA CYS B 488 18.85 16.94 -43.03
C CYS B 488 20.23 17.49 -43.33
N LEU B 489 21.06 16.71 -44.01
CA LEU B 489 22.42 17.09 -44.34
C LEU B 489 22.50 18.38 -45.15
N ARG B 490 21.56 18.55 -46.11
CA ARG B 490 21.43 19.75 -46.94
C ARG B 490 20.99 20.93 -46.11
N LYS B 491 20.00 20.71 -45.22
CA LYS B 491 19.48 21.76 -44.33
C LYS B 491 20.60 22.31 -43.45
N LEU B 492 21.45 21.41 -42.89
CA LEU B 492 22.53 21.77 -41.98
C LEU B 492 23.86 22.14 -42.64
N GLY B 493 24.04 21.73 -43.89
CA GLY B 493 25.28 21.96 -44.62
C GLY B 493 26.33 20.95 -44.26
N VAL B 494 25.90 19.71 -43.94
CA VAL B 494 26.82 18.62 -43.62
C VAL B 494 27.25 18.02 -44.96
N PRO B 495 28.56 17.72 -45.19
CA PRO B 495 28.94 17.09 -46.46
C PRO B 495 28.12 15.84 -46.79
N PRO B 496 27.85 15.57 -48.09
CA PRO B 496 27.02 14.39 -48.44
C PRO B 496 27.63 13.05 -48.04
N LEU B 497 26.77 12.04 -47.79
CA LEU B 497 27.13 10.69 -47.35
C LEU B 497 28.32 10.06 -48.07
N ARG B 498 28.37 10.16 -49.41
CA ARG B 498 29.46 9.59 -50.22
C ARG B 498 30.85 10.14 -49.82
N THR B 499 30.93 11.42 -49.45
CA THR B 499 32.20 12.05 -49.03
C THR B 499 32.71 11.44 -47.72
N TRP B 500 31.79 10.95 -46.86
CA TRP B 500 32.17 10.35 -45.57
C TRP B 500 32.91 9.02 -45.71
N ARG B 501 32.65 8.28 -46.81
CA ARG B 501 33.29 6.99 -47.10
C ARG B 501 34.83 7.14 -47.22
N HIS B 502 35.29 8.21 -47.92
CA HIS B 502 36.71 8.53 -48.13
C HIS B 502 37.40 8.68 -46.77
N ARG B 503 36.89 9.60 -45.93
CA ARG B 503 37.39 9.90 -44.59
C ARG B 503 37.37 8.63 -43.74
N ALA B 504 36.29 7.82 -43.86
CA ALA B 504 36.17 6.58 -43.11
C ALA B 504 37.21 5.54 -43.46
N ARG B 505 37.62 5.43 -44.75
CA ARG B 505 38.67 4.50 -45.14
C ARG B 505 40.00 4.93 -44.52
N SER B 506 40.26 6.24 -44.47
CA SER B 506 41.48 6.80 -43.91
C SER B 506 41.55 6.52 -42.39
N VAL B 507 40.45 6.83 -41.65
CA VAL B 507 40.30 6.59 -40.20
C VAL B 507 40.52 5.10 -39.93
N ARG B 508 39.85 4.25 -40.74
CA ARG B 508 39.92 2.79 -40.66
C ARG B 508 41.35 2.26 -40.74
N ALA B 509 42.13 2.69 -41.76
CA ALA B 509 43.52 2.22 -41.93
C ALA B 509 44.40 2.58 -40.74
N LYS B 510 44.28 3.80 -40.23
CA LYS B 510 45.05 4.24 -39.05
C LYS B 510 44.70 3.40 -37.81
N LEU B 511 43.39 3.12 -37.58
CA LEU B 511 42.94 2.31 -36.44
C LEU B 511 43.49 0.89 -36.57
N LEU B 512 43.44 0.31 -37.79
CA LEU B 512 43.97 -1.02 -38.05
C LEU B 512 45.47 -1.11 -37.74
N SER B 513 46.23 -0.06 -38.09
CA SER B 513 47.69 0.01 -37.89
C SER B 513 48.09 0.09 -36.42
N GLN B 514 47.15 0.48 -35.54
CA GLN B 514 47.44 0.60 -34.11
C GLN B 514 47.28 -0.70 -33.33
N GLY B 515 46.59 -1.69 -33.91
CA GLY B 515 46.35 -2.97 -33.25
C GLY B 515 45.37 -2.86 -32.08
N GLY B 516 45.28 -3.93 -31.28
CA GLY B 516 44.43 -4.02 -30.10
C GLY B 516 42.98 -3.63 -30.33
N ARG B 517 42.40 -2.89 -29.36
CA ARG B 517 41.01 -2.43 -29.45
C ARG B 517 40.81 -1.46 -30.61
N ALA B 518 41.82 -0.62 -30.94
CA ALA B 518 41.71 0.31 -32.06
C ALA B 518 41.48 -0.44 -33.38
N ALA B 519 42.21 -1.56 -33.60
CA ALA B 519 42.04 -2.39 -34.81
C ALA B 519 40.64 -3.02 -34.87
N ILE B 520 40.07 -3.40 -33.70
CA ILE B 520 38.69 -3.93 -33.61
C ILE B 520 37.71 -2.84 -34.05
N CYS B 521 37.97 -1.57 -33.65
CA CYS B 521 37.18 -0.42 -34.06
C CYS B 521 37.25 -0.25 -35.57
N GLY B 522 38.47 -0.29 -36.12
CA GLY B 522 38.72 -0.14 -37.55
C GLY B 522 37.96 -1.16 -38.37
N ARG B 523 38.09 -2.43 -38.00
CA ARG B 523 37.46 -3.57 -38.65
C ARG B 523 35.93 -3.57 -38.57
N TYR B 524 35.37 -3.44 -37.35
CA TYR B 524 33.90 -3.51 -37.15
C TYR B 524 33.13 -2.24 -37.45
N LEU B 525 33.57 -1.09 -36.90
CA LEU B 525 32.82 0.15 -37.12
C LEU B 525 32.83 0.70 -38.54
N PHE B 526 33.88 0.41 -39.31
CA PHE B 526 34.04 1.01 -40.64
C PHE B 526 34.07 0.01 -41.79
N ASN B 527 33.51 -1.19 -41.56
CA ASN B 527 33.40 -2.23 -42.60
C ASN B 527 32.47 -1.78 -43.73
N TRP B 528 31.54 -0.83 -43.44
CA TRP B 528 30.63 -0.27 -44.44
C TRP B 528 31.38 0.56 -45.49
N ALA B 529 32.58 1.10 -45.14
CA ALA B 529 33.37 2.02 -45.96
C ALA B 529 34.31 1.42 -47.01
N VAL B 530 34.70 0.15 -46.87
CA VAL B 530 35.61 -0.48 -47.82
C VAL B 530 34.90 -1.28 -48.90
N ARG B 531 35.37 -1.13 -50.16
CA ARG B 531 34.91 -1.98 -51.25
C ARG B 531 35.68 -3.26 -50.94
N THR B 532 34.99 -4.41 -50.94
CA THR B 532 35.54 -5.72 -50.57
C THR B 532 35.54 -5.73 -49.04
N LYS B 533 34.35 -6.00 -48.46
CA LYS B 533 34.12 -6.07 -47.02
C LYS B 533 34.94 -7.18 -46.38
N LEU B 534 34.96 -7.19 -45.04
CA LEU B 534 35.72 -8.20 -44.32
C LEU B 534 34.79 -9.29 -43.79
N LYS B 535 35.36 -10.22 -43.00
CA LYS B 535 34.66 -11.34 -42.40
C LYS B 535 33.56 -10.88 -41.45
N LEU B 536 33.92 -10.28 -40.30
CA LEU B 536 33.00 -9.80 -39.26
C LEU B 536 32.31 -10.95 -38.53
N THR B 537 32.93 -11.37 -37.41
CA THR B 537 32.46 -12.46 -36.56
C THR B 537 32.21 -11.97 -35.14
N PRO B 538 31.52 -12.77 -34.26
CA PRO B 538 31.32 -12.34 -32.86
C PRO B 538 32.61 -11.85 -32.23
N ILE B 539 32.60 -10.61 -31.72
CA ILE B 539 33.77 -9.95 -31.13
C ILE B 539 34.17 -10.61 -29.79
N PRO B 540 35.50 -10.82 -29.55
CA PRO B 540 35.95 -11.37 -28.25
C PRO B 540 35.33 -10.75 -26.99
N ALA B 541 35.64 -9.45 -26.72
CA ALA B 541 35.18 -8.72 -25.54
C ALA B 541 33.68 -8.37 -25.45
N ALA B 542 32.86 -8.85 -26.42
CA ALA B 542 31.42 -8.58 -26.45
C ALA B 542 30.67 -9.23 -25.28
N SER B 543 30.85 -10.56 -25.07
CA SER B 543 30.18 -11.32 -24.01
C SER B 543 30.69 -11.01 -22.59
N GLN B 544 31.95 -10.56 -22.46
CA GLN B 544 32.59 -10.24 -21.18
C GLN B 544 31.96 -9.02 -20.52
N LEU B 545 31.59 -8.01 -21.33
CA LEU B 545 31.03 -6.73 -20.91
C LEU B 545 29.90 -6.81 -19.91
N ASP B 546 30.07 -6.12 -18.77
CA ASP B 546 29.07 -6.06 -17.72
C ASP B 546 28.07 -4.97 -18.10
N LEU B 547 27.14 -5.33 -19.01
CA LEU B 547 26.06 -4.44 -19.46
C LEU B 547 24.84 -4.70 -18.61
N SER B 548 24.99 -5.59 -17.61
CA SER B 548 23.99 -5.95 -16.64
C SER B 548 23.61 -4.66 -15.93
N GLY B 549 22.35 -4.28 -16.04
CA GLY B 549 21.89 -3.05 -15.40
C GLY B 549 21.83 -1.81 -16.27
N TRP B 550 22.17 -1.89 -17.58
CA TRP B 550 22.06 -0.69 -18.43
C TRP B 550 20.61 -0.38 -18.79
N PHE B 551 19.81 -1.45 -18.86
CA PHE B 551 18.41 -1.36 -19.29
C PHE B 551 17.48 -1.98 -18.28
N VAL B 552 17.43 -1.38 -17.11
CA VAL B 552 16.58 -1.87 -16.04
C VAL B 552 15.52 -0.81 -15.76
N ALA B 553 15.96 0.46 -15.58
CA ALA B 553 15.04 1.53 -15.28
C ALA B 553 15.55 2.87 -15.82
N GLY B 554 14.64 3.82 -15.91
CA GLY B 554 14.95 5.18 -16.37
C GLY B 554 15.25 6.06 -15.18
N TYR B 555 16.19 6.99 -15.36
CA TYR B 555 16.60 7.88 -14.25
C TYR B 555 16.76 9.32 -14.72
N SER B 556 16.09 9.74 -15.83
CA SER B 556 16.29 11.13 -16.30
C SER B 556 15.97 12.13 -15.20
N GLY B 557 16.95 13.02 -14.94
CA GLY B 557 16.90 14.04 -13.91
C GLY B 557 17.14 13.52 -12.51
N GLY B 558 17.35 12.21 -12.36
CA GLY B 558 17.47 11.57 -11.05
C GLY B 558 18.86 11.54 -10.43
N ASP B 559 19.85 12.18 -11.11
CA ASP B 559 21.20 12.32 -10.56
C ASP B 559 21.84 10.95 -10.31
N ILE B 560 21.77 10.08 -11.33
CA ILE B 560 22.30 8.71 -11.18
C ILE B 560 23.54 8.49 -12.02
N TYR B 561 24.53 7.84 -11.41
CA TYR B 561 25.79 7.47 -12.07
C TYR B 561 25.93 5.96 -11.98
N HIS B 562 26.15 5.32 -13.13
CA HIS B 562 26.29 3.87 -13.11
C HIS B 562 27.74 3.47 -13.36
N SER B 563 28.35 2.82 -12.36
CA SER B 563 29.74 2.39 -12.41
C SER B 563 29.95 1.23 -13.39
N LEU B 564 31.08 1.25 -14.12
CA LEU B 564 31.44 0.20 -15.08
C LEU B 564 32.67 -0.57 -14.60
N SER B 565 32.49 -1.86 -14.30
CA SER B 565 33.57 -2.75 -13.83
C SER B 565 33.95 -3.79 -14.87
C1 2F3 C . -13.35 -14.10 20.16
C2 2F3 C . -13.60 -12.77 19.73
C3 2F3 C . -12.60 -11.78 19.84
C7 2F3 C . -15.85 -13.49 19.13
C8 2F3 C . -14.87 -12.49 19.21
C9 2F3 C . -15.49 -14.76 19.56
C10 2F3 C . -20.73 -12.18 21.95
C11 2F3 C . -21.43 -14.84 20.24
C12 2F3 C . -21.46 -15.95 19.36
C13 2F3 C . -20.31 -13.96 20.21
C14 2F3 C . -19.28 -14.20 19.27
C15 2F3 C . -18.70 -12.35 20.45
C16 2F3 C . -19.93 -12.80 20.92
C19 2F3 C . -17.95 -11.20 20.97
C20 2F3 C . -17.17 -13.15 18.54
C21 2F3 C . -21.03 -10.70 21.85
C22 2F3 C . -22.37 -10.89 23.85
C24 2F3 C . -21.31 -12.87 22.96
C4 2F3 C . -11.34 -12.09 20.36
C5 2F3 C . -11.09 -13.38 20.80
C6 2F3 C . -12.08 -14.38 20.70
N1 2F3 C . -14.28 -15.07 20.08
N2 2F3 C . -18.34 -13.22 19.41
C17 2F3 C . -20.39 -16.16 18.48
C18 2F3 C . -19.31 -15.29 18.40
O1 2F3 C . -17.91 -10.88 22.13
N3 2F3 C . -21.83 -10.15 22.83
C23 2F3 C . -22.15 -12.22 23.95
O2 2F3 C . -20.54 -10.01 20.92
O3 2F3 C . -17.34 -10.50 20.00
C25 2F3 C . -22.62 -16.93 19.37
F1 2F3 C . -20.41 -17.23 17.68
P PO4 D . -51.24 -24.08 29.20
O1 PO4 D . -51.57 -23.36 27.83
O2 PO4 D . -49.72 -24.55 29.26
O3 PO4 D . -51.55 -23.14 30.36
O4 PO4 D . -52.19 -25.40 29.31
P PO4 E . -24.76 -4.99 49.47
O1 PO4 E . -25.50 -4.38 48.28
O2 PO4 E . -23.21 -4.71 49.33
O3 PO4 E . -25.27 -4.36 50.81
O4 PO4 E . -24.98 -6.54 49.54
P PO4 F . -9.28 25.72 27.83
O1 PO4 F . -10.49 26.11 26.95
O2 PO4 F . -8.63 24.41 27.33
O3 PO4 F . -8.22 26.82 27.75
O4 PO4 F . -9.73 25.58 29.30
C1 2F3 G . 11.48 9.43 -23.43
C2 2F3 G . 12.35 9.11 -22.36
C3 2F3 G . 12.28 9.81 -21.13
C7 2F3 G . 13.33 7.38 -23.77
C8 2F3 G . 13.26 8.08 -22.56
C9 2F3 G . 12.42 7.77 -24.76
C10 2F3 G . 18.71 7.70 -25.75
C11 2F3 G . 17.23 5.71 -27.76
C12 2F3 G . 16.39 4.82 -28.45
C13 2F3 G . 16.82 6.24 -26.51
C14 2F3 G . 15.59 5.85 -25.97
C15 2F3 G . 16.55 7.30 -24.52
C16 2F3 G . 17.41 7.12 -25.59
C19 2F3 G . 16.76 8.18 -23.38
C20 2F3 G . 14.30 6.26 -23.90
C21 2F3 G . 19.69 7.58 -24.60
C22 2F3 G . 21.33 8.76 -25.95
C24 2F3 G . 19.14 8.30 -26.87
C4 2F3 G . 11.35 10.85 -20.97
C5 2F3 G . 10.50 11.17 -22.02
C6 2F3 G . 10.56 10.46 -23.24
N1 2F3 G . 11.51 8.76 -24.62
N2 2F3 G . 15.45 6.49 -24.76
C17 2F3 G . 15.16 4.46 -27.86
C18 2F3 G . 14.74 4.94 -26.64
O1 2F3 G . 17.32 9.27 -23.44
N3 2F3 G . 20.95 8.14 -24.79
C23 2F3 G . 20.47 8.85 -26.98
O2 2F3 G . 19.37 7.03 -23.55
O3 2F3 G . 16.27 7.69 -22.24
C25 2F3 G . 16.81 4.26 -29.78
F1 2F3 G . 14.37 3.61 -28.51
#